data_6EG3
#
_entry.id   6EG3
#
_cell.length_a   136.470
_cell.length_b   136.470
_cell.length_c   121.370
_cell.angle_alpha   90.000
_cell.angle_beta   90.000
_cell.angle_gamma   90.000
#
_symmetry.space_group_name_H-M   'P 42 21 2'
#
loop_
_entity.id
_entity.type
_entity.pdbx_description
1 polymer 'Maltose/maltodextrin-binding periplasmic protein,Probable global transcription activator SNF2L2'
2 non-polymer '3-[(4-{[(2-chloropyridin-4-yl)carbamoyl]amino}pyridin-2-yl)ethynyl]benzoic acid'
3 non-polymer ETHANOL
4 water water
#
_entity_poly.entity_id   1
_entity_poly.type   'polypeptide(L)'
_entity_poly.pdbx_seq_one_letter_code
;KIEEGKLVIWINGDKGYNGLAEVGKKFEKDTGIKVTVEHPDKLEEKFPQVAATGDGPDIIFWAHDRFGGYAQSGLLAEIT
PAAAFQDKLYPFTWDAVRYNGKLIAYPIAVEALSLIYNKDLLPNPPKTWEEIPALDKELKAKGKSALMFNLQEPYFTWPL
IAADGGYAFKYAAGKYDIKDVGVDNAGAKAGLTFLVDLIKNKHMNADTDYSIAEAAFNKGETAMTINGPWAWSNIDTSAV
NYGVTVLPTFKGQPSKPFVGVLSAGINAASPNKELAKEFLENYLLTDEGLEAVNKDKPLGAVALKSYEEELAKDPRIAAT
MENAQKGEIMPNIPQMSAFWYAVRTAVINAASGRQTVDEALKDAQTNAAAAHAISERVEKQSALLINGTLKHYQLQGLEW
MVSLYNNNLNGILADEMGLGKTIQTIALITYLMEHKRLNGPYLIIVPLSTLSNWTYEFDKWAPSVVKISYKGTPAMRRSL
VPQLRSGKFNVLLTTYEYIIKDKHILAKIRWKYMIVDEGHRMKNHHCKLTQVLNTHYVAPRRILLTGTPLQNKLPELWAL
LNFLLPTIFKSCSTFEQWFNAPFAMTGERVDLNEEETILIIRRLHKVLRPFLLRRLKKEVE
;
_entity_poly.pdbx_strand_id   A
#
loop_
_chem_comp.id
_chem_comp.type
_chem_comp.name
_chem_comp.formula
EOH non-polymer ETHANOL 'C2 H6 O'
J7G non-polymer '3-[(4-{[(2-chloropyridin-4-yl)carbamoyl]amino}pyridin-2-yl)ethynyl]benzoic acid' 'C20 H13 Cl N4 O3'
#
# COMPACT_ATOMS: atom_id res chain seq x y z
N LYS A 1 20.80 -11.84 -17.99
CA LYS A 1 19.67 -11.05 -18.48
C LYS A 1 18.35 -11.85 -18.51
N ILE A 2 17.59 -11.81 -19.65
CA ILE A 2 16.28 -12.47 -19.87
C ILE A 2 16.23 -13.14 -21.29
N GLU A 3 16.65 -14.44 -21.34
CA GLU A 3 16.79 -15.28 -22.54
C GLU A 3 15.51 -15.50 -23.36
N GLU A 4 15.58 -15.25 -24.68
CA GLU A 4 14.47 -15.40 -25.63
C GLU A 4 14.31 -16.88 -26.09
N GLY A 5 13.13 -17.20 -26.63
CA GLY A 5 12.75 -18.53 -27.10
C GLY A 5 12.68 -19.59 -26.02
N LYS A 6 12.56 -19.16 -24.75
CA LYS A 6 12.55 -19.99 -23.54
C LYS A 6 11.60 -19.37 -22.47
N LEU A 7 11.28 -20.14 -21.40
CA LEU A 7 10.45 -19.66 -20.28
C LEU A 7 11.08 -20.00 -18.94
N VAL A 8 11.30 -18.97 -18.10
CA VAL A 8 11.76 -19.11 -16.72
C VAL A 8 10.60 -18.71 -15.79
N ILE A 9 10.30 -19.58 -14.82
CA ILE A 9 9.18 -19.43 -13.90
C ILE A 9 9.60 -19.51 -12.43
N TRP A 10 9.14 -18.52 -11.63
CA TRP A 10 9.39 -18.47 -10.19
C TRP A 10 8.10 -18.75 -9.42
N ILE A 11 8.17 -19.69 -8.49
CA ILE A 11 7.08 -20.14 -7.62
C ILE A 11 7.70 -20.48 -6.25
N ASN A 12 6.94 -20.29 -5.16
CA ASN A 12 7.47 -20.56 -3.82
C ASN A 12 7.69 -22.07 -3.57
N GLY A 13 8.63 -22.40 -2.68
CA GLY A 13 8.98 -23.77 -2.30
C GLY A 13 7.88 -24.57 -1.62
N ASP A 14 6.86 -23.86 -1.06
CA ASP A 14 5.72 -24.47 -0.38
C ASP A 14 4.58 -24.83 -1.36
N LYS A 15 4.88 -24.78 -2.67
CA LYS A 15 3.93 -25.07 -3.75
C LYS A 15 4.36 -26.32 -4.58
N GLY A 16 3.47 -26.80 -5.44
CA GLY A 16 3.73 -27.94 -6.31
C GLY A 16 4.67 -27.61 -7.46
N TYR A 17 5.94 -27.25 -7.14
CA TYR A 17 6.95 -26.85 -8.12
C TYR A 17 7.41 -27.99 -9.02
N ASN A 18 7.53 -29.20 -8.46
CA ASN A 18 7.91 -30.39 -9.23
C ASN A 18 6.76 -30.81 -10.13
N GLY A 19 5.52 -30.65 -9.65
CA GLY A 19 4.31 -30.91 -10.41
C GLY A 19 4.19 -29.96 -11.57
N LEU A 20 4.43 -28.66 -11.32
CA LEU A 20 4.41 -27.61 -12.33
C LEU A 20 5.45 -27.91 -13.45
N ALA A 21 6.65 -28.36 -13.06
CA ALA A 21 7.75 -28.71 -13.97
C ALA A 21 7.34 -29.76 -15.04
N GLU A 22 6.46 -30.73 -14.66
CA GLU A 22 5.92 -31.77 -15.55
C GLU A 22 5.07 -31.13 -16.65
N VAL A 23 4.33 -30.04 -16.32
CA VAL A 23 3.50 -29.28 -17.28
C VAL A 23 4.46 -28.58 -18.26
N GLY A 24 5.61 -28.14 -17.75
CA GLY A 24 6.67 -27.49 -18.52
C GLY A 24 7.36 -28.45 -19.46
N LYS A 25 7.63 -29.68 -18.98
CA LYS A 25 8.22 -30.79 -19.73
C LYS A 25 7.29 -31.17 -20.89
N LYS A 26 5.97 -31.29 -20.62
CA LYS A 26 4.94 -31.56 -21.64
C LYS A 26 4.92 -30.42 -22.68
N PHE A 27 5.16 -29.16 -22.25
CA PHE A 27 5.20 -27.99 -23.12
C PHE A 27 6.41 -28.06 -24.07
N GLU A 28 7.59 -28.42 -23.52
CA GLU A 28 8.82 -28.62 -24.28
C GLU A 28 8.63 -29.80 -25.27
N LYS A 29 8.03 -30.93 -24.80
CA LYS A 29 7.75 -32.10 -25.63
C LYS A 29 6.98 -31.72 -26.90
N ASP A 30 5.83 -31.03 -26.76
CA ASP A 30 5.02 -30.66 -27.91
C ASP A 30 5.53 -29.48 -28.75
N THR A 31 6.18 -28.47 -28.10
CA THR A 31 6.59 -27.25 -28.82
C THR A 31 8.11 -27.11 -29.08
N GLY A 32 8.93 -27.65 -28.19
CA GLY A 32 10.38 -27.55 -28.28
C GLY A 32 10.93 -26.49 -27.35
N ILE A 33 10.05 -25.60 -26.83
CA ILE A 33 10.40 -24.50 -25.91
C ILE A 33 10.69 -25.04 -24.52
N LYS A 34 11.94 -24.86 -24.05
CA LYS A 34 12.40 -25.27 -22.72
C LYS A 34 11.70 -24.42 -21.67
N VAL A 35 11.33 -25.05 -20.55
CA VAL A 35 10.64 -24.40 -19.45
C VAL A 35 11.42 -24.71 -18.15
N THR A 36 12.01 -23.67 -17.55
CA THR A 36 12.78 -23.80 -16.30
C THR A 36 11.95 -23.29 -15.13
N VAL A 37 11.79 -24.15 -14.11
CA VAL A 37 11.00 -23.87 -12.91
C VAL A 37 11.92 -23.77 -11.70
N GLU A 38 11.98 -22.56 -11.11
CA GLU A 38 12.83 -22.26 -9.95
C GLU A 38 12.06 -21.71 -8.77
N HIS A 39 12.52 -22.09 -7.55
CA HIS A 39 11.98 -21.62 -6.28
C HIS A 39 13.07 -20.85 -5.48
N PRO A 40 13.37 -19.57 -5.84
CA PRO A 40 14.39 -18.82 -5.09
C PRO A 40 13.88 -18.35 -3.72
N ASP A 41 14.77 -18.29 -2.72
CA ASP A 41 14.45 -17.81 -1.37
C ASP A 41 14.07 -16.35 -1.43
N LYS A 42 12.92 -15.99 -0.83
CA LYS A 42 12.35 -14.62 -0.82
C LYS A 42 12.27 -14.09 -2.27
N LEU A 43 11.48 -14.78 -3.11
CA LEU A 43 11.31 -14.43 -4.53
C LEU A 43 10.46 -13.19 -4.72
N GLU A 44 9.50 -12.94 -3.80
CA GLU A 44 8.63 -11.76 -3.82
C GLU A 44 9.44 -10.49 -3.56
N GLU A 45 10.61 -10.66 -2.90
CA GLU A 45 11.56 -9.61 -2.56
C GLU A 45 12.61 -9.41 -3.67
N LYS A 46 13.05 -10.51 -4.32
CA LYS A 46 14.02 -10.48 -5.42
C LYS A 46 13.38 -10.01 -6.73
N PHE A 47 12.10 -10.38 -6.98
CA PHE A 47 11.40 -10.01 -8.21
C PHE A 47 11.42 -8.50 -8.50
N PRO A 48 11.02 -7.57 -7.59
CA PRO A 48 11.05 -6.14 -7.94
C PRO A 48 12.43 -5.59 -8.27
N GLN A 49 13.50 -6.17 -7.65
CA GLN A 49 14.90 -5.78 -7.88
C GLN A 49 15.29 -6.09 -9.33
N VAL A 50 15.20 -7.39 -9.71
CA VAL A 50 15.57 -7.91 -11.03
C VAL A 50 14.67 -7.43 -12.17
N ALA A 51 13.35 -7.27 -11.92
CA ALA A 51 12.43 -6.81 -12.96
C ALA A 51 12.64 -5.33 -13.34
N ALA A 52 13.11 -4.50 -12.36
CA ALA A 52 13.41 -3.08 -12.58
C ALA A 52 14.65 -2.94 -13.49
N THR A 53 15.54 -3.94 -13.44
CA THR A 53 16.76 -4.08 -14.23
C THR A 53 16.41 -4.48 -15.67
N GLY A 54 15.44 -5.38 -15.81
CA GLY A 54 15.02 -5.97 -17.08
C GLY A 54 15.50 -7.41 -17.18
N ASP A 55 15.61 -8.06 -16.00
CA ASP A 55 16.08 -9.43 -15.77
C ASP A 55 15.01 -10.27 -15.06
N GLY A 56 15.43 -11.37 -14.43
CA GLY A 56 14.57 -12.26 -13.66
C GLY A 56 13.74 -13.25 -14.47
N PRO A 57 12.58 -13.69 -13.91
CA PRO A 57 11.75 -14.68 -14.62
C PRO A 57 10.80 -14.09 -15.65
N ASP A 58 10.23 -14.94 -16.51
CA ASP A 58 9.25 -14.57 -17.52
C ASP A 58 7.86 -14.57 -16.87
N ILE A 59 7.67 -15.51 -15.88
CA ILE A 59 6.44 -15.74 -15.13
C ILE A 59 6.73 -15.85 -13.62
N ILE A 60 5.88 -15.18 -12.80
CA ILE A 60 5.94 -15.15 -11.34
C ILE A 60 4.67 -15.73 -10.73
N PHE A 61 4.81 -16.56 -9.71
CA PHE A 61 3.69 -17.18 -9.04
C PHE A 61 3.63 -16.72 -7.61
N TRP A 62 2.61 -15.91 -7.30
CA TRP A 62 2.40 -15.36 -5.95
C TRP A 62 0.95 -14.88 -5.81
N ALA A 63 0.52 -14.61 -4.55
CA ALA A 63 -0.81 -14.07 -4.21
C ALA A 63 -0.98 -12.70 -4.86
N HIS A 64 -2.17 -12.45 -5.39
CA HIS A 64 -2.62 -11.26 -6.11
C HIS A 64 -2.35 -9.92 -5.42
N ASP A 65 -2.30 -9.91 -4.06
CA ASP A 65 -2.10 -8.71 -3.29
C ASP A 65 -0.72 -8.09 -3.53
N ARG A 66 0.36 -8.91 -3.44
CA ARG A 66 1.74 -8.47 -3.68
C ARG A 66 1.93 -7.98 -5.12
N PHE A 67 1.08 -8.46 -6.02
CA PHE A 67 1.08 -8.11 -7.44
C PHE A 67 0.63 -6.69 -7.73
N GLY A 68 -0.07 -6.08 -6.75
CA GLY A 68 -0.58 -4.70 -6.83
C GLY A 68 0.54 -3.68 -6.85
N GLY A 69 1.54 -3.94 -5.98
CA GLY A 69 2.78 -3.16 -5.89
C GLY A 69 3.59 -3.25 -7.17
N TYR A 70 3.76 -4.49 -7.71
CA TYR A 70 4.48 -4.74 -8.96
C TYR A 70 3.80 -4.08 -10.15
N ALA A 71 2.46 -4.14 -10.20
CA ALA A 71 1.66 -3.54 -11.28
C ALA A 71 1.81 -2.03 -11.30
N GLN A 72 1.85 -1.39 -10.10
CA GLN A 72 2.02 0.05 -9.93
C GLN A 72 3.37 0.49 -10.51
N SER A 73 4.45 -0.27 -10.20
CA SER A 73 5.81 -0.04 -10.73
C SER A 73 5.86 -0.30 -12.25
N GLY A 74 4.94 -1.14 -12.73
CA GLY A 74 4.87 -1.52 -14.14
C GLY A 74 5.82 -2.66 -14.46
N LEU A 75 5.96 -3.61 -13.51
CA LEU A 75 6.82 -4.79 -13.61
C LEU A 75 6.10 -5.96 -14.28
N LEU A 76 4.75 -5.95 -14.25
CA LEU A 76 3.91 -7.00 -14.81
C LEU A 76 3.19 -6.50 -16.05
N ALA A 77 3.09 -7.38 -17.06
CA ALA A 77 2.44 -7.12 -18.35
C ALA A 77 0.91 -7.25 -18.29
N GLU A 78 0.24 -6.44 -19.13
CA GLU A 78 -1.22 -6.44 -19.30
C GLU A 78 -1.52 -7.71 -20.09
N ILE A 79 -2.06 -8.74 -19.41
CA ILE A 79 -2.39 -10.02 -20.05
C ILE A 79 -3.59 -9.84 -20.99
N THR A 80 -3.60 -10.59 -22.12
CA THR A 80 -4.65 -10.41 -23.15
C THR A 80 -5.53 -11.65 -23.39
N PRO A 81 -6.24 -12.24 -22.38
CA PRO A 81 -7.09 -13.39 -22.70
C PRO A 81 -8.40 -12.99 -23.35
N ALA A 82 -8.82 -13.78 -24.32
CA ALA A 82 -10.08 -13.59 -25.04
C ALA A 82 -11.24 -13.86 -24.10
N ALA A 83 -12.40 -13.24 -24.37
CA ALA A 83 -13.65 -13.38 -23.63
C ALA A 83 -13.91 -14.86 -23.25
N ALA A 84 -13.86 -15.79 -24.26
CA ALA A 84 -14.03 -17.25 -24.15
C ALA A 84 -13.14 -17.91 -23.08
N PHE A 85 -11.87 -17.42 -22.93
CA PHE A 85 -10.97 -17.93 -21.91
C PHE A 85 -11.35 -17.38 -20.53
N GLN A 86 -11.73 -16.09 -20.47
CA GLN A 86 -12.15 -15.44 -19.23
C GLN A 86 -13.42 -16.10 -18.66
N ASP A 87 -14.30 -16.63 -19.53
CA ASP A 87 -15.54 -17.28 -19.14
C ASP A 87 -15.32 -18.63 -18.44
N LYS A 88 -14.10 -19.20 -18.56
CA LYS A 88 -13.70 -20.49 -17.98
C LYS A 88 -13.40 -20.34 -16.50
N LEU A 89 -12.93 -19.15 -16.10
CA LEU A 89 -12.59 -18.84 -14.71
C LEU A 89 -13.69 -18.04 -14.02
N TYR A 90 -13.87 -18.24 -12.70
CA TYR A 90 -14.84 -17.51 -11.86
C TYR A 90 -14.61 -15.99 -12.00
N PRO A 91 -15.64 -15.19 -12.40
CA PRO A 91 -15.41 -13.73 -12.62
C PRO A 91 -14.79 -12.94 -11.45
N PHE A 92 -15.00 -13.36 -10.19
CA PHE A 92 -14.45 -12.66 -9.03
C PHE A 92 -12.94 -12.76 -8.92
N THR A 93 -12.36 -13.86 -9.42
CA THR A 93 -10.90 -14.11 -9.40
C THR A 93 -10.15 -13.12 -10.31
N TRP A 94 -10.80 -12.67 -11.40
CA TRP A 94 -10.24 -11.68 -12.32
C TRP A 94 -10.14 -10.32 -11.64
N ASP A 95 -11.10 -10.02 -10.75
CA ASP A 95 -11.16 -8.80 -9.98
C ASP A 95 -9.95 -8.75 -9.03
N ALA A 96 -9.47 -9.92 -8.58
CA ALA A 96 -8.30 -10.01 -7.72
C ALA A 96 -7.01 -9.65 -8.48
N VAL A 97 -7.03 -9.79 -9.82
CA VAL A 97 -5.87 -9.52 -10.67
C VAL A 97 -6.09 -8.27 -11.57
N ARG A 98 -7.05 -7.41 -11.16
CA ARG A 98 -7.33 -6.17 -11.88
C ARG A 98 -6.68 -4.98 -11.16
N TYR A 99 -5.90 -4.18 -11.91
CA TYR A 99 -5.19 -3.01 -11.40
C TYR A 99 -5.28 -1.91 -12.42
N ASN A 100 -5.94 -0.79 -12.04
CA ASN A 100 -6.19 0.38 -12.90
C ASN A 100 -6.98 0.00 -14.17
N GLY A 101 -7.90 -0.95 -14.00
CA GLY A 101 -8.76 -1.49 -15.05
C GLY A 101 -8.04 -2.41 -16.03
N LYS A 102 -6.95 -3.05 -15.58
CA LYS A 102 -6.14 -3.94 -16.40
C LYS A 102 -5.89 -5.30 -15.74
N LEU A 103 -6.06 -6.40 -16.51
CA LEU A 103 -5.77 -7.74 -16.02
C LEU A 103 -4.24 -7.88 -16.05
N ILE A 104 -3.62 -8.05 -14.87
CA ILE A 104 -2.17 -8.08 -14.74
C ILE A 104 -1.61 -9.49 -14.46
N ALA A 105 -2.50 -10.47 -14.25
CA ALA A 105 -2.13 -11.85 -13.96
C ALA A 105 -3.23 -12.86 -14.32
N TYR A 106 -2.91 -14.16 -14.26
CA TYR A 106 -3.88 -15.23 -14.52
C TYR A 106 -4.15 -15.84 -13.16
N PRO A 107 -5.40 -15.82 -12.64
CA PRO A 107 -5.65 -16.43 -11.33
C PRO A 107 -5.48 -17.96 -11.41
N ILE A 108 -4.90 -18.55 -10.37
CA ILE A 108 -4.66 -19.99 -10.32
C ILE A 108 -5.57 -20.58 -9.20
N ALA A 109 -5.10 -20.53 -7.93
CA ALA A 109 -5.79 -21.06 -6.76
C ALA A 109 -6.55 -19.96 -5.95
N VAL A 110 -7.30 -20.38 -4.92
CA VAL A 110 -8.14 -19.54 -4.05
C VAL A 110 -8.04 -20.08 -2.61
N GLU A 111 -7.79 -19.21 -1.60
CA GLU A 111 -7.78 -19.62 -0.19
C GLU A 111 -8.49 -18.61 0.70
N ALA A 112 -9.24 -19.12 1.68
CA ALA A 112 -10.02 -18.36 2.67
C ALA A 112 -10.10 -19.16 3.97
N LEU A 113 -10.34 -18.49 5.13
CA LEU A 113 -10.46 -19.16 6.43
C LEU A 113 -11.78 -19.94 6.48
N SER A 114 -11.77 -21.08 7.19
CA SER A 114 -12.93 -21.97 7.29
C SER A 114 -13.25 -22.37 8.72
N LEU A 115 -14.50 -22.81 8.94
CA LEU A 115 -14.97 -23.31 10.21
C LEU A 115 -14.70 -24.83 10.23
N ILE A 116 -13.87 -25.27 11.18
CA ILE A 116 -13.45 -26.67 11.33
C ILE A 116 -14.00 -27.24 12.63
N TYR A 117 -14.83 -28.31 12.56
CA TYR A 117 -15.45 -28.96 13.73
C TYR A 117 -14.87 -30.32 14.08
N PRO A 125 -23.65 -28.12 12.22
CA PRO A 125 -22.79 -27.21 13.00
C PRO A 125 -23.45 -25.83 13.21
N PRO A 126 -23.02 -25.01 14.21
CA PRO A 126 -23.68 -23.70 14.43
C PRO A 126 -23.83 -22.83 13.17
N LYS A 127 -25.07 -22.72 12.68
CA LYS A 127 -25.42 -21.94 11.49
C LYS A 127 -25.20 -20.45 11.73
N THR A 128 -25.38 -19.99 13.00
CA THR A 128 -25.18 -18.60 13.41
C THR A 128 -24.17 -18.52 14.56
N TRP A 129 -23.46 -17.39 14.64
CA TRP A 129 -22.49 -17.06 15.68
C TRP A 129 -23.21 -16.93 17.04
N GLU A 130 -24.42 -16.33 16.99
CA GLU A 130 -25.33 -16.05 18.09
C GLU A 130 -25.69 -17.28 18.94
N GLU A 131 -25.66 -18.48 18.32
CA GLU A 131 -25.99 -19.77 18.92
C GLU A 131 -24.80 -20.47 19.61
N ILE A 132 -23.60 -19.88 19.55
CA ILE A 132 -22.37 -20.45 20.12
C ILE A 132 -22.27 -20.27 21.67
N PRO A 133 -22.75 -19.16 22.33
CA PRO A 133 -22.64 -19.07 23.80
C PRO A 133 -23.31 -20.25 24.53
N ALA A 134 -24.47 -20.72 23.99
CA ALA A 134 -25.24 -21.86 24.46
C ALA A 134 -24.37 -23.13 24.38
N LEU A 135 -23.81 -23.42 23.18
CA LEU A 135 -22.95 -24.56 22.87
C LEU A 135 -21.78 -24.80 23.83
N ASP A 136 -21.13 -23.70 24.30
CA ASP A 136 -20.02 -23.79 25.24
C ASP A 136 -20.47 -24.24 26.63
N LYS A 137 -21.74 -23.92 27.01
CA LYS A 137 -22.33 -24.32 28.29
C LYS A 137 -22.28 -25.85 28.42
N GLU A 138 -22.66 -26.54 27.32
CA GLU A 138 -22.70 -28.00 27.16
C GLU A 138 -21.31 -28.56 27.25
N LEU A 139 -20.43 -28.11 26.36
CA LEU A 139 -19.04 -28.56 26.26
C LEU A 139 -18.21 -28.38 27.50
N LYS A 140 -18.42 -27.30 28.28
CA LYS A 140 -17.68 -27.08 29.53
C LYS A 140 -18.15 -28.01 30.66
N ALA A 141 -19.40 -28.51 30.59
CA ALA A 141 -19.96 -29.48 31.54
C ALA A 141 -19.28 -30.84 31.30
N LYS A 142 -18.94 -31.16 30.02
CA LYS A 142 -18.27 -32.40 29.58
C LYS A 142 -16.74 -32.35 29.72
N GLY A 143 -16.21 -31.17 30.08
CA GLY A 143 -14.78 -30.90 30.33
C GLY A 143 -13.99 -30.24 29.23
N LYS A 144 -14.69 -29.68 28.19
CA LYS A 144 -14.04 -29.04 27.04
C LYS A 144 -14.47 -27.58 26.82
N SER A 145 -14.49 -27.16 25.53
CA SER A 145 -14.84 -25.83 25.03
C SER A 145 -15.37 -25.95 23.60
N ALA A 146 -16.35 -25.11 23.24
CA ALA A 146 -17.00 -25.10 21.93
C ALA A 146 -16.14 -24.53 20.80
N LEU A 147 -15.34 -23.50 21.07
CA LEU A 147 -14.47 -22.85 20.06
C LEU A 147 -13.15 -22.37 20.66
N MET A 148 -12.05 -22.41 19.86
CA MET A 148 -10.70 -21.97 20.21
C MET A 148 -9.83 -21.66 18.96
N PHE A 149 -9.76 -20.38 18.56
CA PHE A 149 -8.96 -19.91 17.42
C PHE A 149 -7.92 -18.84 17.85
N ASN A 150 -6.92 -18.53 16.99
CA ASN A 150 -5.89 -17.53 17.27
C ASN A 150 -6.52 -16.13 17.32
N LEU A 151 -6.58 -15.53 18.51
CA LEU A 151 -7.18 -14.21 18.73
C LEU A 151 -6.18 -13.07 18.52
N GLN A 152 -4.91 -13.28 18.93
CA GLN A 152 -3.79 -12.33 18.82
C GLN A 152 -3.60 -11.74 17.41
N GLU A 153 -3.98 -12.49 16.36
CA GLU A 153 -3.83 -12.01 14.99
C GLU A 153 -5.17 -11.60 14.36
N PRO A 154 -5.22 -10.37 13.82
CA PRO A 154 -6.48 -9.83 13.28
C PRO A 154 -7.04 -10.53 12.03
N TYR A 155 -6.24 -11.35 11.31
CA TYR A 155 -6.72 -12.05 10.11
C TYR A 155 -7.89 -13.00 10.46
N PHE A 156 -7.76 -13.70 11.60
CA PHE A 156 -8.72 -14.67 12.13
C PHE A 156 -9.95 -14.03 12.78
N THR A 157 -9.78 -12.91 13.54
CA THR A 157 -10.86 -12.21 14.24
C THR A 157 -11.74 -11.36 13.32
N TRP A 158 -11.16 -10.82 12.24
CA TRP A 158 -11.82 -9.94 11.27
C TRP A 158 -13.14 -10.48 10.67
N PRO A 159 -13.31 -11.79 10.28
CA PRO A 159 -14.57 -12.19 9.64
C PRO A 159 -15.90 -11.81 10.35
N LEU A 160 -15.96 -11.78 11.71
CA LEU A 160 -17.21 -11.32 12.35
C LEU A 160 -17.30 -9.78 12.35
N ILE A 161 -16.14 -9.09 12.45
CA ILE A 161 -16.05 -7.62 12.45
C ILE A 161 -16.57 -7.10 11.11
N ALA A 162 -16.21 -7.80 10.01
CA ALA A 162 -16.62 -7.47 8.64
C ALA A 162 -18.07 -7.88 8.33
N ALA A 163 -18.60 -8.87 9.08
CA ALA A 163 -19.93 -9.45 8.88
C ALA A 163 -21.08 -8.45 8.86
N ASP A 164 -21.28 -7.70 9.98
CA ASP A 164 -22.39 -6.77 10.09
C ASP A 164 -22.27 -5.53 9.18
N GLY A 165 -21.05 -5.02 9.01
CA GLY A 165 -20.80 -3.86 8.15
C GLY A 165 -19.37 -3.38 8.05
N GLY A 166 -18.46 -4.00 8.81
CA GLY A 166 -17.03 -3.67 8.81
C GLY A 166 -16.32 -3.92 7.49
N TYR A 167 -15.26 -3.12 7.19
CA TYR A 167 -14.43 -3.19 5.98
C TYR A 167 -13.07 -2.48 6.18
N ALA A 168 -12.05 -2.84 5.38
CA ALA A 168 -10.74 -2.20 5.48
C ALA A 168 -10.79 -0.91 4.67
N PHE A 169 -10.89 -1.00 3.32
CA PHE A 169 -10.95 0.15 2.42
C PHE A 169 -12.10 -0.02 1.46
N LYS A 170 -12.88 1.05 1.26
CA LYS A 170 -14.03 1.01 0.37
C LYS A 170 -13.64 0.87 -1.09
N TYR A 171 -14.13 -0.20 -1.75
CA TYR A 171 -13.86 -0.44 -3.16
C TYR A 171 -14.83 0.35 -4.06
N ALA A 172 -14.32 1.41 -4.70
CA ALA A 172 -15.05 2.31 -5.60
C ALA A 172 -14.97 1.76 -7.02
N ALA A 173 -15.34 2.56 -8.03
CA ALA A 173 -15.31 2.11 -9.43
C ALA A 173 -13.86 1.94 -9.92
N GLY A 174 -13.41 0.68 -9.90
CA GLY A 174 -12.06 0.30 -10.33
C GLY A 174 -11.00 0.33 -9.24
N LYS A 175 -11.05 1.30 -8.31
CA LYS A 175 -10.01 1.43 -7.28
C LYS A 175 -10.50 1.42 -5.81
N TYR A 176 -9.57 1.18 -4.86
CA TYR A 176 -9.79 1.22 -3.42
C TYR A 176 -9.55 2.67 -2.94
N ASP A 177 -10.31 3.14 -1.91
CA ASP A 177 -10.13 4.47 -1.33
C ASP A 177 -9.47 4.28 0.03
N ILE A 178 -8.25 4.82 0.15
CA ILE A 178 -7.40 4.69 1.33
C ILE A 178 -7.85 5.64 2.44
N LYS A 179 -8.79 6.52 2.11
CA LYS A 179 -9.41 7.46 3.04
C LYS A 179 -10.78 6.95 3.55
N ASP A 180 -11.46 6.06 2.78
CA ASP A 180 -12.73 5.46 3.16
C ASP A 180 -12.47 4.15 3.91
N VAL A 181 -12.29 4.25 5.22
CA VAL A 181 -11.98 3.16 6.13
C VAL A 181 -13.21 2.87 7.00
N GLY A 182 -13.56 1.59 7.13
CA GLY A 182 -14.73 1.15 7.88
C GLY A 182 -14.44 0.27 9.06
N VAL A 183 -13.60 0.77 9.98
CA VAL A 183 -13.18 0.09 11.21
C VAL A 183 -14.01 0.63 12.40
N ASP A 184 -14.75 1.75 12.17
CA ASP A 184 -15.52 2.45 13.20
C ASP A 184 -17.02 2.42 13.09
N ASN A 185 -17.59 1.94 11.96
CA ASN A 185 -19.04 1.93 11.75
C ASN A 185 -19.80 1.01 12.74
N ALA A 186 -21.16 1.02 12.64
CA ALA A 186 -22.05 0.22 13.49
C ALA A 186 -21.73 -1.28 13.41
N GLY A 187 -21.45 -1.76 12.19
CA GLY A 187 -21.11 -3.15 11.90
C GLY A 187 -19.86 -3.65 12.58
N ALA A 188 -18.76 -2.89 12.45
CA ALA A 188 -17.47 -3.25 13.04
C ALA A 188 -17.56 -3.36 14.57
N LYS A 189 -18.30 -2.40 15.19
CA LYS A 189 -18.53 -2.34 16.64
C LYS A 189 -19.40 -3.50 17.08
N ALA A 190 -20.52 -3.78 16.35
CA ALA A 190 -21.44 -4.90 16.64
C ALA A 190 -20.70 -6.22 16.71
N GLY A 191 -19.85 -6.49 15.70
CA GLY A 191 -19.04 -7.69 15.61
C GLY A 191 -18.02 -7.77 16.73
N LEU A 192 -17.20 -6.71 16.90
CA LEU A 192 -16.17 -6.72 17.95
C LEU A 192 -16.76 -6.72 19.37
N THR A 193 -17.99 -6.20 19.58
CA THR A 193 -18.63 -6.25 20.90
C THR A 193 -18.94 -7.71 21.23
N PHE A 194 -19.46 -8.47 20.23
CA PHE A 194 -19.79 -9.89 20.35
C PHE A 194 -18.55 -10.73 20.70
N LEU A 195 -17.39 -10.38 20.15
CA LEU A 195 -16.14 -11.07 20.40
C LEU A 195 -15.69 -10.92 21.86
N VAL A 196 -15.74 -9.68 22.41
CA VAL A 196 -15.34 -9.38 23.81
C VAL A 196 -16.40 -9.94 24.79
N ASP A 197 -17.69 -10.01 24.36
CA ASP A 197 -18.79 -10.60 25.13
C ASP A 197 -18.41 -12.04 25.50
N LEU A 198 -17.99 -12.84 24.50
CA LEU A 198 -17.57 -14.23 24.66
C LEU A 198 -16.32 -14.38 25.54
N ILE A 199 -15.45 -13.33 25.56
CA ILE A 199 -14.22 -13.33 26.39
C ILE A 199 -14.58 -13.14 27.87
N LYS A 200 -15.43 -12.12 28.19
CA LYS A 200 -15.84 -11.80 29.57
C LYS A 200 -16.78 -12.86 30.20
N ASN A 201 -17.49 -13.64 29.36
CA ASN A 201 -18.38 -14.72 29.81
C ASN A 201 -17.60 -16.03 30.09
N LYS A 202 -16.26 -15.99 29.92
CA LYS A 202 -15.27 -17.06 30.13
C LYS A 202 -15.44 -18.25 29.13
N HIS A 203 -16.16 -18.02 28.01
CA HIS A 203 -16.33 -19.01 26.92
C HIS A 203 -14.99 -19.10 26.18
N MET A 204 -14.36 -17.94 25.96
CA MET A 204 -13.06 -17.81 25.31
C MET A 204 -12.09 -17.05 26.18
N ASN A 205 -10.80 -17.33 26.02
CA ASN A 205 -9.70 -16.69 26.76
C ASN A 205 -8.99 -15.71 25.83
N ALA A 206 -8.66 -14.51 26.32
CA ALA A 206 -7.99 -13.47 25.54
C ALA A 206 -6.49 -13.76 25.29
N ASP A 207 -5.88 -14.66 26.10
CA ASP A 207 -4.46 -15.06 25.99
C ASP A 207 -4.19 -16.08 24.85
N THR A 208 -5.27 -16.70 24.30
CA THR A 208 -5.22 -17.72 23.23
C THR A 208 -4.54 -17.21 21.96
N ASP A 209 -3.43 -17.88 21.57
CA ASP A 209 -2.67 -17.60 20.35
C ASP A 209 -2.78 -18.76 19.36
N TYR A 210 -1.88 -18.83 18.34
CA TYR A 210 -1.90 -19.88 17.33
C TYR A 210 -1.58 -21.27 17.90
N SER A 211 -0.44 -21.39 18.62
CA SER A 211 0.03 -22.63 19.27
C SER A 211 -0.99 -23.27 20.22
N ILE A 212 -1.72 -22.44 20.99
CA ILE A 212 -2.74 -22.88 21.95
C ILE A 212 -3.99 -23.37 21.22
N ALA A 213 -4.48 -22.59 20.25
CA ALA A 213 -5.68 -22.90 19.46
C ALA A 213 -5.54 -24.21 18.66
N GLU A 214 -4.33 -24.46 18.13
CA GLU A 214 -3.96 -25.63 17.31
C GLU A 214 -3.89 -26.89 18.17
N ALA A 215 -3.02 -26.87 19.20
CA ALA A 215 -2.81 -27.98 20.14
C ALA A 215 -4.10 -28.37 20.89
N ALA A 216 -5.05 -27.42 21.06
CA ALA A 216 -6.32 -27.68 21.72
C ALA A 216 -7.26 -28.48 20.82
N PHE A 217 -7.33 -28.14 19.52
CA PHE A 217 -8.20 -28.86 18.59
C PHE A 217 -7.68 -30.25 18.27
N ASN A 218 -6.34 -30.41 18.22
CA ASN A 218 -5.63 -31.65 17.92
C ASN A 218 -5.70 -32.66 19.09
N LYS A 219 -5.57 -32.18 20.35
CA LYS A 219 -5.64 -33.02 21.56
C LYS A 219 -7.11 -33.26 22.01
N GLY A 220 -8.07 -32.95 21.14
CA GLY A 220 -9.51 -33.11 21.37
C GLY A 220 -10.08 -32.28 22.52
N GLU A 221 -9.37 -31.21 22.92
CA GLU A 221 -9.76 -30.30 24.02
C GLU A 221 -10.84 -29.28 23.61
N THR A 222 -11.00 -29.00 22.28
CA THR A 222 -11.99 -28.02 21.81
C THR A 222 -12.80 -28.55 20.61
N ALA A 223 -14.12 -28.24 20.58
CA ALA A 223 -15.08 -28.70 19.58
C ALA A 223 -14.98 -28.01 18.21
N MET A 224 -14.55 -26.75 18.18
CA MET A 224 -14.40 -25.99 16.93
C MET A 224 -13.13 -25.17 16.94
N THR A 225 -12.74 -24.69 15.75
CA THR A 225 -11.58 -23.82 15.51
C THR A 225 -11.77 -23.10 14.16
N ILE A 226 -11.05 -21.99 13.97
CA ILE A 226 -11.05 -21.27 12.70
C ILE A 226 -9.61 -21.22 12.24
N ASN A 227 -9.35 -21.83 11.07
CA ASN A 227 -8.05 -21.88 10.42
C ASN A 227 -8.27 -22.05 8.93
N GLY A 228 -7.17 -22.28 8.19
CA GLY A 228 -7.20 -22.49 6.75
C GLY A 228 -6.62 -23.83 6.30
N PRO A 229 -6.52 -24.04 4.95
CA PRO A 229 -5.99 -25.32 4.44
C PRO A 229 -4.63 -25.75 4.98
N TRP A 230 -3.74 -24.79 5.35
CA TRP A 230 -2.40 -25.04 5.88
C TRP A 230 -2.38 -25.84 7.19
N ALA A 231 -3.50 -25.81 7.93
CA ALA A 231 -3.66 -26.53 9.19
C ALA A 231 -4.01 -28.01 8.99
N TRP A 232 -4.90 -28.32 7.98
CA TRP A 232 -5.41 -29.65 7.63
C TRP A 232 -4.37 -30.78 7.68
N SER A 233 -3.14 -30.50 7.21
CA SER A 233 -2.01 -31.44 7.21
C SER A 233 -1.67 -31.90 8.62
N ASN A 234 -1.62 -30.97 9.59
CA ASN A 234 -1.31 -31.20 11.00
C ASN A 234 -2.47 -31.76 11.81
N ILE A 235 -3.69 -31.70 11.27
CA ILE A 235 -4.86 -32.24 11.94
C ILE A 235 -5.14 -33.66 11.40
N ASP A 236 -4.68 -33.94 10.14
CA ASP A 236 -4.79 -35.26 9.49
C ASP A 236 -3.88 -36.23 10.25
N THR A 237 -2.69 -35.73 10.65
CA THR A 237 -1.69 -36.48 11.41
C THR A 237 -2.06 -36.59 12.91
N SER A 238 -3.24 -36.05 13.31
CA SER A 238 -3.78 -36.07 14.67
C SER A 238 -4.98 -37.02 14.86
N ALA A 239 -5.44 -37.63 13.74
CA ALA A 239 -6.54 -38.60 13.67
C ALA A 239 -7.89 -38.09 14.23
N VAL A 240 -8.08 -36.77 14.23
CA VAL A 240 -9.32 -36.14 14.69
C VAL A 240 -10.34 -36.30 13.55
N ASN A 241 -11.59 -36.68 13.88
CA ASN A 241 -12.65 -36.87 12.86
C ASN A 241 -13.25 -35.53 12.44
N TYR A 242 -12.38 -34.60 12.05
CA TYR A 242 -12.75 -33.25 11.70
C TYR A 242 -13.35 -33.10 10.32
N GLY A 243 -14.24 -32.12 10.22
CA GLY A 243 -14.92 -31.67 9.01
C GLY A 243 -14.61 -30.20 8.78
N VAL A 244 -15.02 -29.68 7.62
CA VAL A 244 -14.79 -28.30 7.18
C VAL A 244 -16.07 -27.77 6.52
N THR A 245 -16.53 -26.61 7.01
CA THR A 245 -17.73 -25.97 6.51
C THR A 245 -17.55 -24.44 6.48
N VAL A 246 -18.64 -23.76 6.04
CA VAL A 246 -18.85 -22.31 6.00
C VAL A 246 -18.78 -21.74 7.43
N LEU A 247 -18.42 -20.45 7.53
CA LEU A 247 -18.37 -19.66 8.74
C LEU A 247 -19.81 -19.15 9.07
N PRO A 248 -20.19 -19.18 10.37
CA PRO A 248 -21.55 -18.80 10.78
C PRO A 248 -21.99 -17.37 10.44
N THR A 249 -23.31 -17.15 10.28
CA THR A 249 -23.86 -15.83 9.97
C THR A 249 -24.13 -14.99 11.21
N PHE A 250 -23.55 -13.77 11.25
CA PHE A 250 -23.77 -12.81 12.33
C PHE A 250 -24.80 -11.79 11.86
N LYS A 251 -25.94 -11.71 12.57
CA LYS A 251 -27.08 -10.82 12.28
C LYS A 251 -27.69 -11.09 10.89
N GLY A 252 -27.80 -12.38 10.56
CA GLY A 252 -28.38 -12.86 9.30
C GLY A 252 -27.57 -12.57 8.06
N GLN A 253 -26.32 -12.08 8.26
CA GLN A 253 -25.36 -11.73 7.22
C GLN A 253 -24.14 -12.66 7.37
N PRO A 254 -23.55 -13.13 6.24
CA PRO A 254 -22.39 -14.04 6.36
C PRO A 254 -21.10 -13.38 6.80
N SER A 255 -20.21 -14.19 7.40
CA SER A 255 -18.86 -13.77 7.80
C SER A 255 -18.03 -13.55 6.51
N LYS A 256 -17.21 -12.49 6.49
CA LYS A 256 -16.41 -12.17 5.32
C LYS A 256 -14.90 -12.36 5.57
N PRO A 257 -14.32 -13.56 5.29
CA PRO A 257 -12.86 -13.70 5.47
C PRO A 257 -12.11 -13.12 4.28
N PHE A 258 -10.78 -12.93 4.41
CA PHE A 258 -10.03 -12.39 3.28
C PHE A 258 -9.58 -13.51 2.32
N VAL A 259 -9.83 -13.27 1.01
CA VAL A 259 -9.55 -14.19 -0.10
C VAL A 259 -8.13 -13.98 -0.70
N GLY A 260 -7.34 -15.05 -0.63
CA GLY A 260 -5.96 -15.13 -1.13
C GLY A 260 -5.90 -15.93 -2.41
N VAL A 261 -5.71 -15.24 -3.55
CA VAL A 261 -5.71 -15.84 -4.87
C VAL A 261 -4.32 -15.97 -5.46
N LEU A 262 -3.78 -17.21 -5.48
CA LEU A 262 -2.47 -17.53 -6.10
C LEU A 262 -2.60 -17.18 -7.56
N SER A 263 -1.67 -16.36 -8.04
CA SER A 263 -1.72 -15.86 -9.41
C SER A 263 -0.40 -16.06 -10.13
N ALA A 264 -0.47 -16.04 -11.48
CA ALA A 264 0.68 -16.15 -12.37
C ALA A 264 0.76 -14.86 -13.16
N GLY A 265 1.82 -14.11 -12.90
CA GLY A 265 2.10 -12.81 -13.50
C GLY A 265 3.21 -12.87 -14.54
N ILE A 266 3.00 -12.17 -15.67
CA ILE A 266 4.01 -12.11 -16.72
C ILE A 266 4.85 -10.85 -16.50
N ASN A 267 6.18 -11.01 -16.49
CA ASN A 267 7.15 -9.91 -16.43
C ASN A 267 7.07 -9.12 -17.75
N ALA A 268 7.08 -7.76 -17.65
CA ALA A 268 7.01 -6.86 -18.80
C ALA A 268 8.38 -6.66 -19.51
N ALA A 269 9.49 -7.14 -18.89
CA ALA A 269 10.85 -7.12 -19.45
C ALA A 269 11.12 -8.35 -20.36
N SER A 270 10.21 -9.35 -20.29
CA SER A 270 10.26 -10.61 -21.04
C SER A 270 9.93 -10.44 -22.52
N PRO A 271 10.83 -10.92 -23.41
CA PRO A 271 10.52 -10.86 -24.85
C PRO A 271 9.55 -11.97 -25.25
N ASN A 272 9.43 -13.02 -24.38
CA ASN A 272 8.60 -14.23 -24.50
C ASN A 272 7.21 -14.06 -23.87
N LYS A 273 6.49 -12.98 -24.25
CA LYS A 273 5.16 -12.70 -23.70
C LYS A 273 4.09 -13.60 -24.30
N GLU A 274 4.08 -13.78 -25.64
CA GLU A 274 3.11 -14.63 -26.35
C GLU A 274 3.30 -16.13 -26.01
N LEU A 275 4.50 -16.50 -25.57
CA LEU A 275 4.89 -17.84 -25.18
C LEU A 275 4.28 -18.16 -23.84
N ALA A 276 4.30 -17.16 -22.92
CA ALA A 276 3.74 -17.27 -21.57
C ALA A 276 2.22 -17.35 -21.63
N LYS A 277 1.58 -16.60 -22.57
CA LYS A 277 0.13 -16.63 -22.82
C LYS A 277 -0.29 -18.05 -23.25
N GLU A 278 0.46 -18.62 -24.22
CA GLU A 278 0.28 -19.94 -24.80
C GLU A 278 0.46 -21.05 -23.74
N PHE A 279 1.54 -20.97 -22.92
CA PHE A 279 1.78 -21.98 -21.89
C PHE A 279 0.74 -21.91 -20.78
N LEU A 280 0.45 -20.71 -20.25
CA LEU A 280 -0.51 -20.54 -19.16
C LEU A 280 -1.94 -20.89 -19.58
N GLU A 281 -2.50 -20.19 -20.60
CA GLU A 281 -3.88 -20.43 -21.09
C GLU A 281 -4.17 -21.87 -21.56
N ASN A 282 -3.22 -22.51 -22.26
CA ASN A 282 -3.42 -23.81 -22.90
C ASN A 282 -2.76 -25.02 -22.24
N TYR A 283 -1.76 -24.84 -21.35
CA TYR A 283 -1.13 -26.01 -20.73
C TYR A 283 -1.42 -26.12 -19.24
N LEU A 284 -1.30 -24.99 -18.51
CA LEU A 284 -1.51 -24.89 -17.07
C LEU A 284 -2.97 -24.61 -16.66
N LEU A 285 -3.62 -23.60 -17.27
CA LEU A 285 -5.00 -23.29 -16.89
C LEU A 285 -6.00 -24.18 -17.60
N THR A 286 -5.82 -25.49 -17.35
CA THR A 286 -6.59 -26.63 -17.86
C THR A 286 -6.75 -27.57 -16.67
N ASP A 287 -7.71 -28.49 -16.76
CA ASP A 287 -8.01 -29.49 -15.73
C ASP A 287 -6.80 -30.40 -15.48
N GLU A 288 -6.15 -30.82 -16.57
CA GLU A 288 -4.98 -31.68 -16.58
C GLU A 288 -3.73 -30.92 -16.08
N GLY A 289 -3.63 -29.65 -16.46
CA GLY A 289 -2.55 -28.76 -16.05
C GLY A 289 -2.57 -28.45 -14.57
N LEU A 290 -3.77 -28.15 -14.02
CA LEU A 290 -3.91 -27.86 -12.59
C LEU A 290 -3.73 -29.11 -11.74
N GLU A 291 -4.34 -30.24 -12.20
CA GLU A 291 -4.27 -31.61 -11.66
C GLU A 291 -2.82 -32.02 -11.42
N ALA A 292 -1.92 -31.74 -12.40
CA ALA A 292 -0.50 -32.06 -12.30
C ALA A 292 0.18 -31.34 -11.12
N VAL A 293 -0.19 -30.05 -10.88
CA VAL A 293 0.33 -29.24 -9.78
C VAL A 293 -0.26 -29.77 -8.45
N ASN A 294 -1.60 -29.89 -8.41
CA ASN A 294 -2.41 -30.38 -7.30
C ASN A 294 -1.95 -31.74 -6.75
N LYS A 295 -1.35 -32.61 -7.60
CA LYS A 295 -0.84 -33.93 -7.20
C LYS A 295 0.45 -33.79 -6.37
N ASP A 296 1.32 -32.80 -6.68
CA ASP A 296 2.57 -32.56 -5.95
C ASP A 296 2.30 -31.91 -4.59
N LYS A 297 1.44 -30.85 -4.58
CA LYS A 297 1.00 -30.12 -3.40
C LYS A 297 -0.38 -29.52 -3.72
N PRO A 298 -1.44 -29.90 -2.97
CA PRO A 298 -2.79 -29.40 -3.30
C PRO A 298 -2.95 -27.90 -3.36
N LEU A 299 -3.81 -27.44 -4.28
CA LEU A 299 -4.10 -26.02 -4.53
C LEU A 299 -5.40 -25.51 -3.87
N GLY A 300 -6.07 -26.39 -3.11
CA GLY A 300 -7.34 -26.08 -2.48
C GLY A 300 -8.37 -25.79 -3.55
N ALA A 301 -9.10 -24.68 -3.42
CA ALA A 301 -10.07 -24.30 -4.45
C ALA A 301 -9.31 -23.72 -5.66
N VAL A 302 -9.90 -23.76 -6.86
CA VAL A 302 -9.24 -23.27 -8.07
C VAL A 302 -10.14 -22.29 -8.82
N ALA A 303 -9.53 -21.37 -9.56
CA ALA A 303 -10.23 -20.36 -10.33
C ALA A 303 -10.97 -20.92 -11.54
N LEU A 304 -10.53 -22.11 -12.04
CA LEU A 304 -11.06 -22.81 -13.21
C LEU A 304 -12.32 -23.56 -12.84
N LYS A 305 -13.46 -23.09 -13.36
CA LYS A 305 -14.80 -23.63 -13.09
C LYS A 305 -14.82 -25.16 -13.17
N SER A 306 -14.50 -25.70 -14.37
CA SER A 306 -14.45 -27.13 -14.68
C SER A 306 -13.66 -27.96 -13.66
N TYR A 307 -12.40 -27.59 -13.35
CA TYR A 307 -11.62 -28.36 -12.38
C TYR A 307 -12.09 -28.13 -10.94
N GLU A 308 -12.72 -26.96 -10.65
CA GLU A 308 -13.26 -26.71 -9.31
C GLU A 308 -14.48 -27.61 -9.04
N GLU A 309 -15.45 -27.69 -9.99
CA GLU A 309 -16.63 -28.58 -9.87
C GLU A 309 -16.21 -30.00 -9.47
N GLU A 310 -15.09 -30.51 -10.03
CA GLU A 310 -14.56 -31.84 -9.73
C GLU A 310 -13.93 -31.88 -8.33
N LEU A 311 -13.14 -30.85 -7.97
CA LEU A 311 -12.51 -30.79 -6.64
C LEU A 311 -13.55 -30.62 -5.53
N ALA A 312 -14.69 -29.95 -5.86
CA ALA A 312 -15.84 -29.69 -4.98
C ALA A 312 -16.49 -30.96 -4.44
N LYS A 313 -16.14 -32.15 -5.00
CA LYS A 313 -16.61 -33.47 -4.53
C LYS A 313 -16.16 -33.63 -3.07
N ASP A 314 -14.94 -33.11 -2.76
CA ASP A 314 -14.39 -33.04 -1.41
C ASP A 314 -15.17 -31.89 -0.75
N PRO A 315 -15.82 -32.09 0.42
CA PRO A 315 -16.55 -30.97 1.04
C PRO A 315 -15.61 -29.84 1.51
N ARG A 316 -14.40 -30.20 2.01
CA ARG A 316 -13.37 -29.28 2.50
C ARG A 316 -13.01 -28.19 1.47
N ILE A 317 -12.91 -28.57 0.18
CA ILE A 317 -12.59 -27.67 -0.94
C ILE A 317 -13.82 -26.84 -1.35
N ALA A 318 -15.03 -27.44 -1.32
CA ALA A 318 -16.28 -26.73 -1.63
C ALA A 318 -16.57 -25.69 -0.54
N ALA A 319 -16.03 -25.94 0.68
CA ALA A 319 -16.14 -25.08 1.86
C ALA A 319 -15.25 -23.84 1.72
N THR A 320 -13.94 -24.04 1.49
CA THR A 320 -12.96 -22.96 1.28
C THR A 320 -13.39 -22.09 0.09
N MET A 321 -14.21 -22.64 -0.81
CA MET A 321 -14.76 -21.93 -1.96
C MET A 321 -16.09 -21.23 -1.59
N GLU A 322 -16.87 -21.78 -0.63
CA GLU A 322 -18.12 -21.13 -0.21
C GLU A 322 -17.77 -19.87 0.57
N ASN A 323 -16.81 -19.99 1.52
CA ASN A 323 -16.28 -18.92 2.35
C ASN A 323 -15.69 -17.79 1.48
N ALA A 324 -14.90 -18.15 0.45
CA ALA A 324 -14.28 -17.21 -0.48
C ALA A 324 -15.28 -16.39 -1.31
N GLN A 325 -16.35 -17.04 -1.78
CA GLN A 325 -17.37 -16.37 -2.59
C GLN A 325 -18.20 -15.41 -1.72
N LYS A 326 -18.34 -15.71 -0.42
CA LYS A 326 -19.11 -14.90 0.53
C LYS A 326 -18.28 -13.78 1.18
N GLY A 327 -16.97 -13.98 1.21
CA GLY A 327 -16.01 -13.03 1.75
C GLY A 327 -15.61 -11.95 0.76
N GLU A 328 -14.47 -11.29 1.05
CA GLU A 328 -13.91 -10.23 0.20
C GLU A 328 -12.45 -10.51 -0.09
N ILE A 329 -12.01 -10.14 -1.30
CA ILE A 329 -10.62 -10.32 -1.74
C ILE A 329 -9.71 -9.32 -1.04
N MET A 330 -8.50 -9.78 -0.67
CA MET A 330 -7.43 -9.02 -0.04
C MET A 330 -7.03 -7.81 -0.90
N PRO A 331 -7.15 -6.57 -0.41
CA PRO A 331 -6.72 -5.41 -1.23
C PRO A 331 -5.24 -5.48 -1.62
N ASN A 332 -4.95 -5.15 -2.89
CA ASN A 332 -3.60 -5.19 -3.50
C ASN A 332 -2.77 -3.91 -3.28
N ILE A 333 -3.08 -3.17 -2.21
CA ILE A 333 -2.47 -1.87 -1.92
C ILE A 333 -1.58 -1.91 -0.67
N PRO A 334 -0.48 -1.10 -0.59
CA PRO A 334 0.43 -1.17 0.58
C PRO A 334 -0.12 -0.60 1.90
N GLN A 335 -1.24 0.14 1.82
CA GLN A 335 -1.92 0.77 2.95
C GLN A 335 -2.41 -0.25 3.98
N MET A 336 -2.54 -1.51 3.52
CA MET A 336 -2.99 -2.67 4.30
C MET A 336 -2.14 -2.93 5.56
N SER A 337 -0.82 -2.67 5.49
CA SER A 337 0.09 -2.84 6.62
C SER A 337 -0.34 -1.98 7.82
N ALA A 338 -0.77 -0.72 7.54
CA ALA A 338 -1.25 0.22 8.55
C ALA A 338 -2.60 -0.25 9.10
N PHE A 339 -3.47 -0.80 8.22
CA PHE A 339 -4.76 -1.34 8.61
C PHE A 339 -4.58 -2.56 9.55
N TRP A 340 -3.65 -3.45 9.23
CA TRP A 340 -3.43 -4.63 10.06
C TRP A 340 -2.81 -4.27 11.41
N TYR A 341 -1.79 -3.38 11.41
CA TYR A 341 -1.14 -2.92 12.64
C TYR A 341 -2.12 -2.17 13.56
N ALA A 342 -3.16 -1.53 12.95
CA ALA A 342 -4.23 -0.83 13.65
C ALA A 342 -5.15 -1.82 14.32
N VAL A 343 -5.73 -2.75 13.53
CA VAL A 343 -6.70 -3.73 14.00
C VAL A 343 -6.04 -4.81 14.89
N ARG A 344 -4.70 -5.02 14.79
CA ARG A 344 -4.04 -6.00 15.68
C ARG A 344 -4.16 -5.53 17.11
N THR A 345 -3.67 -4.31 17.38
CA THR A 345 -3.71 -3.69 18.71
C THR A 345 -5.16 -3.37 19.15
N ALA A 346 -6.07 -2.98 18.18
CA ALA A 346 -7.49 -2.67 18.45
C ALA A 346 -8.18 -3.86 19.12
N VAL A 347 -8.11 -5.04 18.47
CA VAL A 347 -8.71 -6.29 18.94
C VAL A 347 -8.09 -6.75 20.28
N ILE A 348 -6.75 -6.68 20.43
CA ILE A 348 -6.06 -7.06 21.66
C ILE A 348 -6.62 -6.26 22.86
N ASN A 349 -6.47 -4.91 22.85
CA ASN A 349 -6.93 -3.96 23.87
C ASN A 349 -8.41 -4.13 24.23
N ALA A 350 -9.31 -4.29 23.23
CA ALA A 350 -10.74 -4.45 23.46
C ALA A 350 -10.99 -5.69 24.32
N ALA A 351 -10.52 -6.86 23.84
CA ALA A 351 -10.63 -8.17 24.48
C ALA A 351 -9.94 -8.24 25.85
N SER A 352 -8.72 -7.65 25.98
CA SER A 352 -7.96 -7.64 27.23
C SER A 352 -8.57 -6.68 28.28
N GLY A 353 -9.54 -5.87 27.85
CA GLY A 353 -10.26 -4.91 28.68
C GLY A 353 -9.58 -3.57 28.87
N ARG A 354 -8.34 -3.42 28.33
CA ARG A 354 -7.52 -2.21 28.41
C ARG A 354 -8.12 -0.99 27.73
N GLN A 355 -9.12 -1.20 26.84
CA GLN A 355 -9.87 -0.19 26.11
C GLN A 355 -11.26 -0.73 25.81
N THR A 356 -12.26 0.15 25.66
CA THR A 356 -13.60 -0.30 25.28
C THR A 356 -13.60 -0.49 23.76
N VAL A 357 -14.59 -1.24 23.22
CA VAL A 357 -14.71 -1.50 21.78
C VAL A 357 -14.69 -0.15 21.01
N ASP A 358 -15.60 0.76 21.40
CA ASP A 358 -15.80 2.11 20.85
C ASP A 358 -14.54 2.98 20.89
N GLU A 359 -13.64 2.73 21.90
CA GLU A 359 -12.36 3.41 22.12
C GLU A 359 -11.26 2.88 21.18
N ALA A 360 -10.97 1.55 21.26
CA ALA A 360 -9.96 0.81 20.47
C ALA A 360 -10.17 0.96 18.96
N LEU A 361 -11.44 0.89 18.51
CA LEU A 361 -11.81 1.04 17.12
C LEU A 361 -11.66 2.47 16.66
N LYS A 362 -11.95 3.46 17.55
CA LYS A 362 -11.83 4.89 17.26
C LYS A 362 -10.37 5.18 16.87
N ASP A 363 -9.41 4.66 17.66
CA ASP A 363 -7.97 4.82 17.44
C ASP A 363 -7.53 4.14 16.13
N ALA A 364 -7.87 2.82 15.98
CA ALA A 364 -7.55 2.00 14.80
C ALA A 364 -8.08 2.61 13.48
N GLN A 365 -9.28 3.22 13.50
CA GLN A 365 -9.87 3.89 12.34
C GLN A 365 -9.07 5.14 11.96
N THR A 366 -8.53 5.83 12.98
CA THR A 366 -7.70 7.04 12.83
C THR A 366 -6.34 6.65 12.28
N ASN A 367 -5.76 5.57 12.84
CA ASN A 367 -4.43 5.06 12.49
C ASN A 367 -4.35 4.45 11.07
N ALA A 368 -5.38 3.75 10.62
CA ALA A 368 -5.43 3.13 9.28
C ALA A 368 -5.59 4.19 8.18
N ALA A 369 -6.28 5.29 8.49
CA ALA A 369 -6.52 6.37 7.56
C ALA A 369 -5.44 7.46 7.62
N ALA A 370 -4.47 7.34 8.56
CA ALA A 370 -3.35 8.29 8.74
C ALA A 370 -2.56 8.49 7.44
N ALA A 371 -2.21 9.76 7.11
CA ALA A 371 -1.47 10.12 5.88
C ALA A 371 -0.17 9.34 5.72
N HIS A 372 0.65 9.26 6.79
CA HIS A 372 1.91 8.51 6.78
C HIS A 372 1.61 7.04 7.08
N ALA A 373 0.79 6.42 6.21
CA ALA A 373 0.36 5.02 6.31
C ALA A 373 1.56 4.09 6.08
N ILE A 374 2.19 4.18 4.88
CA ILE A 374 3.37 3.40 4.50
C ILE A 374 4.59 3.82 5.35
N SER A 375 5.18 2.85 6.05
CA SER A 375 6.38 3.06 6.86
C SER A 375 7.60 2.50 6.13
N GLU A 376 8.75 3.18 6.29
CA GLU A 376 10.02 2.78 5.72
C GLU A 376 11.12 3.33 6.61
N ARG A 377 11.81 2.42 7.32
CA ARG A 377 12.90 2.73 8.24
C ARG A 377 14.11 3.23 7.44
N VAL A 378 14.78 4.26 7.98
CA VAL A 378 15.98 4.85 7.41
C VAL A 378 17.02 4.77 8.56
N GLU A 379 17.89 3.74 8.48
CA GLU A 379 18.94 3.42 9.48
C GLU A 379 20.16 4.34 9.33
N LYS A 380 20.70 4.41 8.10
CA LYS A 380 21.83 5.27 7.72
C LYS A 380 21.44 6.17 6.55
N GLN A 381 22.35 7.05 6.15
CA GLN A 381 22.11 7.99 5.06
C GLN A 381 22.42 7.32 3.71
N SER A 382 22.38 8.07 2.60
CA SER A 382 22.74 7.54 1.27
C SER A 382 24.25 7.49 1.11
N ALA A 383 24.73 6.52 0.32
CA ALA A 383 26.16 6.32 0.00
C ALA A 383 26.72 7.51 -0.78
N LEU A 384 25.86 8.16 -1.62
CA LEU A 384 26.18 9.34 -2.43
C LEU A 384 26.31 10.60 -1.57
N LEU A 385 25.94 10.51 -0.28
CA LEU A 385 26.05 11.59 0.71
C LEU A 385 27.30 11.33 1.55
N ILE A 386 28.38 12.03 1.20
CA ILE A 386 29.72 11.92 1.81
C ILE A 386 30.24 13.26 2.38
N ASN A 387 31.50 13.27 2.89
CA ASN A 387 32.20 14.41 3.50
C ASN A 387 31.44 15.01 4.69
N GLY A 388 30.78 14.12 5.44
CA GLY A 388 30.00 14.47 6.61
C GLY A 388 28.94 13.45 6.94
N THR A 389 28.67 13.30 8.24
CA THR A 389 27.66 12.39 8.74
C THR A 389 26.48 13.20 9.27
N LEU A 390 25.30 12.85 8.73
CA LEU A 390 23.99 13.40 9.05
C LEU A 390 23.70 13.16 10.55
N LYS A 391 23.26 14.22 11.27
CA LYS A 391 22.93 14.13 12.71
C LYS A 391 21.65 13.31 12.94
N HIS A 392 21.40 12.85 14.19
CA HIS A 392 20.23 12.03 14.52
C HIS A 392 18.90 12.66 14.12
N TYR A 393 18.70 13.97 14.39
CA TYR A 393 17.48 14.68 14.00
C TYR A 393 17.41 14.90 12.49
N GLN A 394 18.57 15.00 11.83
CA GLN A 394 18.66 15.21 10.38
C GLN A 394 18.34 13.92 9.64
N LEU A 395 18.58 12.78 10.29
CA LEU A 395 18.26 11.47 9.74
C LEU A 395 16.77 11.24 9.97
N GLN A 396 16.28 11.66 11.16
CA GLN A 396 14.87 11.61 11.55
C GLN A 396 14.05 12.44 10.54
N GLY A 397 14.63 13.54 10.07
CA GLY A 397 14.07 14.44 9.07
C GLY A 397 14.07 13.83 7.67
N LEU A 398 15.07 12.99 7.38
CA LEU A 398 15.16 12.30 6.08
C LEU A 398 14.08 11.20 5.98
N GLU A 399 13.85 10.48 7.10
CA GLU A 399 12.87 9.39 7.25
C GLU A 399 11.45 9.95 7.06
N TRP A 400 11.17 11.15 7.60
CA TRP A 400 9.88 11.84 7.49
C TRP A 400 9.65 12.35 6.07
N MET A 401 10.74 12.77 5.39
CA MET A 401 10.69 13.25 4.01
C MET A 401 10.57 12.13 3.00
N VAL A 402 11.06 10.91 3.34
CA VAL A 402 10.92 9.78 2.40
C VAL A 402 9.48 9.25 2.50
N SER A 403 8.92 9.34 3.73
CA SER A 403 7.53 8.98 4.08
C SER A 403 6.55 9.85 3.32
N LEU A 404 6.94 11.10 3.06
CA LEU A 404 6.18 12.06 2.26
C LEU A 404 6.14 11.58 0.82
N TYR A 405 7.28 11.13 0.28
CA TYR A 405 7.38 10.63 -1.11
C TYR A 405 6.61 9.32 -1.29
N ASN A 406 6.79 8.39 -0.32
CA ASN A 406 6.17 7.06 -0.25
C ASN A 406 4.65 7.10 -0.17
N ASN A 407 4.10 8.07 0.59
CA ASN A 407 2.67 8.20 0.78
C ASN A 407 2.06 9.26 -0.13
N ASN A 408 2.82 9.72 -1.15
CA ASN A 408 2.42 10.72 -2.15
C ASN A 408 1.86 12.00 -1.53
N LEU A 409 2.61 12.54 -0.54
CA LEU A 409 2.29 13.75 0.21
C LEU A 409 3.27 14.88 -0.06
N ASN A 410 2.78 16.12 -0.06
CA ASN A 410 3.60 17.33 -0.14
C ASN A 410 3.81 17.79 1.30
N GLY A 411 4.95 18.39 1.57
CA GLY A 411 5.26 18.78 2.94
C GLY A 411 6.09 20.01 3.15
N ILE A 412 6.19 20.41 4.42
CA ILE A 412 6.93 21.58 4.91
C ILE A 412 7.99 21.17 5.92
N LEU A 413 9.23 21.59 5.66
CA LEU A 413 10.32 21.41 6.61
C LEU A 413 10.55 22.80 7.20
N ALA A 414 9.93 23.05 8.37
CA ALA A 414 9.95 24.33 9.07
C ALA A 414 11.00 24.44 10.21
N ASP A 415 12.08 23.60 10.16
CA ASP A 415 13.15 23.64 11.15
C ASP A 415 13.75 25.05 11.24
N GLU A 416 14.19 25.48 12.43
CA GLU A 416 14.75 26.82 12.63
C GLU A 416 15.97 27.01 11.74
N MET A 417 16.20 28.26 11.29
CA MET A 417 17.37 28.56 10.44
C MET A 417 18.66 28.10 11.13
N GLY A 418 19.48 27.36 10.40
CA GLY A 418 20.71 26.81 10.93
C GLY A 418 20.53 25.45 11.60
N LEU A 419 19.63 24.61 11.05
CA LEU A 419 19.42 23.23 11.51
C LEU A 419 19.81 22.25 10.39
N GLY A 420 20.39 22.80 9.33
CA GLY A 420 20.84 22.03 8.19
C GLY A 420 19.73 21.51 7.31
N LYS A 421 18.72 22.37 7.04
CA LYS A 421 17.60 22.04 6.15
C LYS A 421 18.13 21.74 4.76
N THR A 422 19.14 22.53 4.32
CA THR A 422 19.85 22.41 3.04
C THR A 422 20.47 21.01 2.92
N ILE A 423 21.15 20.57 3.98
CA ILE A 423 21.78 19.26 4.03
C ILE A 423 20.69 18.17 4.06
N GLN A 424 19.61 18.39 4.84
CA GLN A 424 18.47 17.48 4.94
C GLN A 424 17.76 17.28 3.59
N THR A 425 17.69 18.36 2.75
CA THR A 425 17.10 18.36 1.41
C THR A 425 17.99 17.51 0.51
N ILE A 426 19.31 17.80 0.54
CA ILE A 426 20.37 17.14 -0.23
C ILE A 426 20.36 15.65 0.07
N ALA A 427 20.17 15.30 1.36
CA ALA A 427 20.11 13.91 1.85
C ALA A 427 18.89 13.18 1.31
N LEU A 428 17.79 13.91 1.02
CA LEU A 428 16.58 13.30 0.47
C LEU A 428 16.85 12.90 -0.98
N ILE A 429 17.44 13.82 -1.76
CA ILE A 429 17.75 13.61 -3.17
C ILE A 429 18.70 12.41 -3.37
N THR A 430 19.72 12.29 -2.51
CA THR A 430 20.70 11.20 -2.56
C THR A 430 20.08 9.83 -2.24
N TYR A 431 19.10 9.78 -1.31
CA TYR A 431 18.41 8.55 -0.89
C TYR A 431 17.41 8.13 -1.94
N LEU A 432 16.86 9.11 -2.68
CA LEU A 432 15.87 8.90 -3.74
C LEU A 432 16.55 8.44 -5.03
N MET A 433 17.89 8.39 -5.03
CA MET A 433 18.70 7.94 -6.16
C MET A 433 19.33 6.59 -5.84
N GLU A 434 19.82 6.44 -4.61
CA GLU A 434 20.46 5.23 -4.10
C GLU A 434 19.43 4.11 -3.88
N HIS A 435 18.38 4.37 -3.07
CA HIS A 435 17.37 3.36 -2.73
C HIS A 435 16.11 3.33 -3.63
N LYS A 436 15.91 4.38 -4.45
CA LYS A 436 14.79 4.48 -5.40
C LYS A 436 15.38 4.83 -6.77
N ARG A 437 14.72 4.50 -7.88
CA ARG A 437 15.26 4.83 -9.20
C ARG A 437 14.83 6.23 -9.64
N LEU A 438 14.76 7.17 -8.69
CA LEU A 438 14.36 8.55 -8.93
C LEU A 438 15.57 9.47 -9.13
N ASN A 439 16.04 9.53 -10.39
CA ASN A 439 17.15 10.36 -10.84
C ASN A 439 16.59 11.54 -11.65
N GLY A 440 15.28 11.45 -12.00
CA GLY A 440 14.51 12.42 -12.77
C GLY A 440 14.77 13.87 -12.41
N PRO A 441 14.41 14.85 -13.28
CA PRO A 441 14.75 16.26 -12.97
C PRO A 441 14.16 16.86 -11.67
N TYR A 442 15.04 17.32 -10.75
CA TYR A 442 14.65 17.97 -9.49
C TYR A 442 14.74 19.48 -9.68
N LEU A 443 13.68 20.20 -9.27
CA LEU A 443 13.67 21.67 -9.33
C LEU A 443 13.91 22.19 -7.91
N ILE A 444 14.88 23.12 -7.76
CA ILE A 444 15.22 23.71 -6.47
C ILE A 444 15.24 25.22 -6.62
N ILE A 445 14.24 25.90 -6.01
CA ILE A 445 14.04 27.37 -6.04
C ILE A 445 14.45 27.93 -4.72
N VAL A 446 15.60 28.60 -4.72
CA VAL A 446 16.23 29.15 -3.54
C VAL A 446 16.30 30.68 -3.56
N PRO A 447 16.59 31.34 -2.41
CA PRO A 447 16.80 32.79 -2.46
C PRO A 447 18.17 33.08 -3.11
N LEU A 448 18.27 34.21 -3.79
CA LEU A 448 19.51 34.61 -4.45
C LEU A 448 20.72 34.59 -3.49
N SER A 449 20.56 35.15 -2.27
CA SER A 449 21.56 35.22 -1.21
C SER A 449 22.17 33.86 -0.85
N THR A 450 21.37 32.80 -0.78
CA THR A 450 21.95 31.50 -0.44
C THR A 450 22.15 30.58 -1.66
N LEU A 451 21.93 31.08 -2.90
CA LEU A 451 22.12 30.28 -4.13
C LEU A 451 23.48 29.62 -4.20
N SER A 452 24.53 30.42 -4.00
CA SER A 452 25.90 29.97 -4.04
C SER A 452 26.25 29.04 -2.88
N ASN A 453 25.54 29.13 -1.74
CA ASN A 453 25.76 28.20 -0.64
C ASN A 453 25.18 26.83 -0.97
N TRP A 454 24.08 26.80 -1.76
CA TRP A 454 23.41 25.58 -2.19
C TRP A 454 24.30 24.86 -3.21
N THR A 455 24.81 25.61 -4.22
CA THR A 455 25.72 25.08 -5.24
C THR A 455 26.97 24.52 -4.54
N TYR A 456 27.47 25.22 -3.50
CA TYR A 456 28.63 24.82 -2.72
C TYR A 456 28.34 23.58 -1.82
N GLU A 457 27.22 23.58 -1.08
CA GLU A 457 26.87 22.45 -0.19
C GLU A 457 26.68 21.15 -0.96
N PHE A 458 26.20 21.24 -2.23
CA PHE A 458 26.01 20.08 -3.09
C PHE A 458 27.38 19.52 -3.46
N ASP A 459 28.34 20.42 -3.80
CA ASP A 459 29.72 20.09 -4.14
C ASP A 459 30.43 19.37 -2.98
N LYS A 460 30.18 19.80 -1.74
CA LYS A 460 30.77 19.17 -0.55
C LYS A 460 30.18 17.79 -0.26
N TRP A 461 28.85 17.72 -0.10
CA TRP A 461 28.10 16.54 0.33
C TRP A 461 27.78 15.49 -0.74
N ALA A 462 27.45 15.92 -1.96
CA ALA A 462 27.11 14.98 -3.02
C ALA A 462 27.69 15.43 -4.36
N PRO A 463 29.00 15.14 -4.57
CA PRO A 463 29.64 15.53 -5.83
C PRO A 463 29.06 14.78 -7.02
N SER A 464 28.54 13.54 -6.75
CA SER A 464 27.89 12.62 -7.70
C SER A 464 26.79 13.34 -8.49
N VAL A 465 25.93 14.12 -7.78
CA VAL A 465 24.78 14.86 -8.29
C VAL A 465 25.22 15.94 -9.26
N VAL A 466 24.90 15.75 -10.55
CA VAL A 466 25.24 16.72 -11.59
C VAL A 466 24.10 17.74 -11.66
N LYS A 467 24.46 18.99 -11.35
CA LYS A 467 23.52 20.10 -11.27
C LYS A 467 23.79 21.20 -12.27
N ILE A 468 22.72 21.89 -12.67
CA ILE A 468 22.75 23.05 -13.54
C ILE A 468 22.40 24.24 -12.62
N SER A 469 22.99 25.41 -12.88
CA SER A 469 22.67 26.61 -12.14
C SER A 469 22.06 27.59 -13.13
N TYR A 470 20.73 27.63 -13.18
CA TYR A 470 20.03 28.49 -14.11
C TYR A 470 20.14 29.94 -13.65
N LYS A 471 21.24 30.57 -14.08
CA LYS A 471 21.61 31.94 -13.72
C LYS A 471 22.45 32.59 -14.80
N GLY A 472 22.35 33.90 -14.91
CA GLY A 472 23.16 34.64 -15.86
C GLY A 472 22.44 35.68 -16.68
N THR A 473 23.17 36.20 -17.66
CA THR A 473 22.72 37.16 -18.68
C THR A 473 21.86 36.36 -19.69
N PRO A 474 20.92 37.00 -20.44
CA PRO A 474 20.09 36.23 -21.40
C PRO A 474 20.85 35.19 -22.24
N ALA A 475 22.03 35.59 -22.78
CA ALA A 475 22.90 34.75 -23.61
C ALA A 475 23.50 33.58 -22.83
N MET A 476 23.77 33.78 -21.54
CA MET A 476 24.35 32.74 -20.68
C MET A 476 23.34 31.67 -20.37
N ARG A 477 22.07 32.06 -20.21
CA ARG A 477 20.98 31.12 -19.94
C ARG A 477 20.63 30.36 -21.25
N ARG A 478 20.60 31.08 -22.42
CA ARG A 478 20.37 30.47 -23.74
C ARG A 478 21.39 29.37 -24.03
N SER A 479 22.57 29.48 -23.39
CA SER A 479 23.67 28.54 -23.49
C SER A 479 23.36 27.23 -22.75
N LEU A 480 22.56 27.33 -21.66
CA LEU A 480 22.19 26.17 -20.83
C LEU A 480 21.09 25.31 -21.44
N VAL A 481 20.27 25.91 -22.34
CA VAL A 481 19.12 25.30 -23.03
C VAL A 481 19.41 23.85 -23.54
N PRO A 482 20.51 23.58 -24.29
CA PRO A 482 20.75 22.21 -24.78
C PRO A 482 20.98 21.16 -23.70
N GLN A 483 21.70 21.49 -22.61
CA GLN A 483 22.00 20.55 -21.52
C GLN A 483 20.72 20.09 -20.81
N LEU A 484 19.71 20.98 -20.75
CA LEU A 484 18.41 20.72 -20.17
C LEU A 484 17.65 19.71 -21.02
N ARG A 485 17.52 20.02 -22.33
CA ARG A 485 16.82 19.17 -23.30
C ARG A 485 17.33 17.71 -23.31
N SER A 486 18.61 17.51 -22.95
CA SER A 486 19.29 16.21 -22.87
C SER A 486 18.78 15.43 -21.68
N GLY A 487 18.57 16.15 -20.57
CA GLY A 487 18.17 15.56 -19.30
C GLY A 487 19.34 14.82 -18.66
N LYS A 488 20.57 15.23 -19.01
CA LYS A 488 21.81 14.61 -18.51
C LYS A 488 22.01 14.91 -17.02
N PHE A 489 21.49 16.09 -16.58
CA PHE A 489 21.51 16.61 -15.22
C PHE A 489 20.55 15.86 -14.28
N ASN A 490 20.74 16.07 -12.97
CA ASN A 490 19.92 15.47 -11.91
C ASN A 490 19.11 16.56 -11.17
N VAL A 491 19.70 17.75 -10.96
CA VAL A 491 19.12 18.89 -10.22
C VAL A 491 19.26 20.19 -11.02
N LEU A 492 18.32 21.12 -10.80
CA LEU A 492 18.40 22.43 -11.40
C LEU A 492 18.13 23.45 -10.32
N LEU A 493 19.15 24.28 -9.99
CA LEU A 493 19.04 25.34 -9.01
C LEU A 493 18.79 26.64 -9.74
N THR A 494 17.88 27.45 -9.22
CA THR A 494 17.52 28.76 -9.79
C THR A 494 16.79 29.62 -8.75
N THR A 495 16.67 30.92 -9.06
CA THR A 495 15.98 31.90 -8.23
C THR A 495 14.52 31.96 -8.72
N TYR A 496 13.64 32.64 -7.96
CA TYR A 496 12.22 32.78 -8.29
C TYR A 496 11.97 33.54 -9.59
N GLU A 497 12.83 34.53 -9.93
CA GLU A 497 12.63 35.39 -11.11
C GLU A 497 12.81 34.62 -12.41
N TYR A 498 13.63 33.54 -12.40
CA TYR A 498 13.84 32.79 -13.63
C TYR A 498 12.75 31.75 -13.83
N ILE A 499 11.95 31.50 -12.79
CA ILE A 499 10.81 30.59 -12.91
C ILE A 499 9.67 31.37 -13.57
N ILE A 500 9.56 32.66 -13.21
CA ILE A 500 8.54 33.60 -13.69
C ILE A 500 8.87 34.15 -15.09
N LYS A 501 10.14 34.58 -15.30
CA LYS A 501 10.59 35.17 -16.57
C LYS A 501 10.91 34.14 -17.64
N ASP A 502 11.62 33.07 -17.27
CA ASP A 502 12.01 32.03 -18.21
C ASP A 502 11.11 30.78 -18.11
N LYS A 503 9.77 31.01 -17.98
CA LYS A 503 8.78 29.94 -17.91
C LYS A 503 8.73 29.15 -19.21
N HIS A 504 8.78 29.87 -20.36
CA HIS A 504 8.76 29.32 -21.72
C HIS A 504 9.87 28.28 -22.01
N ILE A 505 10.80 28.12 -21.08
CA ILE A 505 11.89 27.18 -21.23
C ILE A 505 11.89 26.18 -20.08
N LEU A 506 11.70 26.66 -18.82
CA LEU A 506 11.75 25.81 -17.62
C LEU A 506 10.46 25.00 -17.35
N ALA A 507 9.29 25.51 -17.81
CA ALA A 507 7.98 24.87 -17.61
C ALA A 507 7.82 23.60 -18.44
N LYS A 508 8.59 23.51 -19.56
CA LYS A 508 8.63 22.39 -20.50
C LYS A 508 9.21 21.09 -19.93
N ILE A 509 9.79 21.14 -18.73
CA ILE A 509 10.39 19.96 -18.11
C ILE A 509 9.41 19.28 -17.15
N ARG A 510 9.43 17.93 -17.15
CA ARG A 510 8.58 17.08 -16.29
C ARG A 510 9.36 16.77 -15.00
N TRP A 511 9.36 17.78 -14.13
CA TRP A 511 10.02 17.81 -12.83
C TRP A 511 9.41 16.75 -11.94
N LYS A 512 10.26 15.87 -11.36
CA LYS A 512 9.77 14.81 -10.48
C LYS A 512 9.37 15.44 -9.16
N TYR A 513 10.36 15.85 -8.36
CA TYR A 513 10.22 16.53 -7.10
C TYR A 513 10.57 18.00 -7.31
N MET A 514 9.91 18.88 -6.57
CA MET A 514 10.17 20.32 -6.65
C MET A 514 10.29 20.91 -5.26
N ILE A 515 11.35 21.68 -5.04
CA ILE A 515 11.61 22.28 -3.73
C ILE A 515 11.71 23.80 -3.82
N VAL A 516 10.99 24.51 -2.92
CA VAL A 516 11.03 25.96 -2.79
C VAL A 516 11.54 26.24 -1.38
N ASP A 517 12.63 27.00 -1.26
CA ASP A 517 13.21 27.40 0.02
C ASP A 517 12.93 28.86 0.12
N GLU A 518 12.10 29.27 1.09
CA GLU A 518 11.73 30.68 1.23
C GLU A 518 12.65 31.45 2.21
N GLY A 519 13.60 30.72 2.79
CA GLY A 519 14.55 31.25 3.76
C GLY A 519 13.88 31.39 5.10
N HIS A 520 13.99 32.58 5.72
CA HIS A 520 13.40 32.90 7.01
C HIS A 520 11.89 32.99 6.86
N ARG A 521 11.41 34.12 6.31
CA ARG A 521 10.01 34.46 6.11
C ARG A 521 9.68 34.45 4.64
N MET A 522 8.39 34.18 4.29
CA MET A 522 7.93 34.28 2.91
C MET A 522 7.67 35.74 2.55
N LYS A 523 7.73 36.02 1.26
CA LYS A 523 7.54 37.36 0.76
C LYS A 523 6.46 37.37 -0.31
N ASN A 524 6.06 38.57 -0.73
CA ASN A 524 5.00 38.81 -1.72
C ASN A 524 5.24 38.11 -3.08
N HIS A 525 6.50 38.07 -3.51
CA HIS A 525 6.93 37.44 -4.75
C HIS A 525 6.86 35.92 -4.68
N HIS A 526 6.66 35.34 -3.48
CA HIS A 526 6.54 33.88 -3.36
C HIS A 526 5.18 33.42 -3.85
N CYS A 527 4.19 34.32 -3.89
CA CYS A 527 2.86 34.01 -4.36
C CYS A 527 2.75 34.12 -5.88
N LYS A 528 3.44 35.10 -6.50
CA LYS A 528 3.52 35.25 -7.97
C LYS A 528 4.24 34.02 -8.55
N LEU A 529 5.28 33.54 -7.84
CA LEU A 529 6.04 32.33 -8.14
C LEU A 529 5.11 31.11 -8.17
N THR A 530 4.21 30.99 -7.17
CA THR A 530 3.30 29.82 -7.09
C THR A 530 2.16 29.96 -8.08
N GLN A 531 1.76 31.20 -8.40
CA GLN A 531 0.73 31.44 -9.42
C GLN A 531 1.18 30.89 -10.77
N VAL A 532 2.47 31.13 -11.16
CA VAL A 532 3.11 30.61 -12.38
C VAL A 532 3.26 29.09 -12.24
N LEU A 533 3.94 28.65 -11.17
CA LEU A 533 4.20 27.24 -10.86
C LEU A 533 2.97 26.35 -10.99
N ASN A 534 1.80 26.86 -10.54
CA ASN A 534 0.52 26.13 -10.55
C ASN A 534 -0.13 26.03 -11.91
N THR A 535 -0.05 27.12 -12.70
CA THR A 535 -0.61 27.25 -14.03
C THR A 535 0.22 26.45 -15.08
N HIS A 536 1.53 26.79 -15.17
CA HIS A 536 2.45 26.31 -16.19
C HIS A 536 3.38 25.14 -15.85
N TYR A 537 3.64 24.86 -14.58
CA TYR A 537 4.61 23.80 -14.27
C TYR A 537 4.01 22.46 -13.84
N VAL A 538 4.68 21.39 -14.27
CA VAL A 538 4.31 20.03 -13.98
C VAL A 538 5.34 19.46 -13.02
N ALA A 539 4.90 19.23 -11.77
CA ALA A 539 5.67 18.61 -10.70
C ALA A 539 4.72 18.05 -9.66
N PRO A 540 4.62 16.70 -9.62
CA PRO A 540 3.72 16.08 -8.63
C PRO A 540 4.17 16.39 -7.20
N ARG A 541 5.34 15.85 -6.78
CA ARG A 541 5.88 16.04 -5.43
C ARG A 541 6.47 17.42 -5.22
N ARG A 542 6.10 18.06 -4.09
CA ARG A 542 6.52 19.40 -3.67
C ARG A 542 6.99 19.39 -2.23
N ILE A 543 8.04 20.18 -1.91
CA ILE A 543 8.55 20.40 -0.55
C ILE A 543 8.83 21.88 -0.35
N LEU A 544 8.42 22.42 0.82
CA LEU A 544 8.70 23.80 1.20
C LEU A 544 9.67 23.82 2.36
N LEU A 545 10.68 24.68 2.25
CA LEU A 545 11.66 24.90 3.31
C LEU A 545 11.45 26.33 3.81
N THR A 546 11.04 26.44 5.08
CA THR A 546 10.79 27.70 5.74
C THR A 546 11.45 27.75 7.13
N GLY A 547 11.72 28.97 7.60
CA GLY A 547 12.30 29.18 8.92
C GLY A 547 11.27 29.49 9.98
N THR A 548 10.06 29.90 9.56
CA THR A 548 8.93 30.27 10.42
C THR A 548 8.10 29.07 10.80
N PRO A 549 7.36 29.10 11.93
CA PRO A 549 6.43 27.99 12.22
C PRO A 549 5.09 28.25 11.50
N LEU A 550 4.09 27.34 11.63
CA LEU A 550 2.79 27.54 10.99
C LEU A 550 2.12 28.81 11.54
N GLN A 551 1.87 29.80 10.65
CA GLN A 551 1.30 31.09 11.03
C GLN A 551 -0.16 31.06 11.45
N ASN A 552 -0.54 31.97 12.37
CA ASN A 552 -1.91 32.08 12.85
C ASN A 552 -2.63 33.19 12.06
N LYS A 553 -2.40 33.23 10.74
CA LYS A 553 -2.98 34.21 9.82
C LYS A 553 -3.59 33.45 8.64
N LEU A 554 -4.88 33.70 8.34
CA LEU A 554 -5.62 33.04 7.25
C LEU A 554 -5.03 33.36 5.86
N PRO A 555 -4.58 34.60 5.54
CA PRO A 555 -3.97 34.81 4.22
C PRO A 555 -2.75 33.91 3.96
N GLU A 556 -1.84 33.78 4.93
CA GLU A 556 -0.64 32.93 4.83
C GLU A 556 -1.00 31.46 4.71
N LEU A 557 -2.02 30.99 5.46
CA LEU A 557 -2.48 29.60 5.40
C LEU A 557 -3.11 29.34 4.04
N TRP A 558 -3.88 30.33 3.50
CA TRP A 558 -4.44 30.25 2.15
C TRP A 558 -3.29 30.00 1.16
N ALA A 559 -2.24 30.85 1.19
CA ALA A 559 -1.05 30.71 0.32
C ALA A 559 -0.40 29.33 0.46
N LEU A 560 -0.03 28.95 1.70
CA LEU A 560 0.55 27.62 1.98
C LEU A 560 -0.28 26.50 1.32
N LEU A 561 -1.66 26.55 1.46
CA LEU A 561 -2.63 25.64 0.85
C LEU A 561 -2.52 25.55 -0.68
N ASN A 562 -2.38 26.69 -1.37
CA ASN A 562 -2.23 26.76 -2.83
C ASN A 562 -0.84 26.22 -3.30
N PHE A 563 0.17 26.27 -2.40
CA PHE A 563 1.48 25.71 -2.69
C PHE A 563 1.37 24.19 -2.58
N LEU A 564 0.84 23.64 -1.46
CA LEU A 564 0.74 22.20 -1.23
C LEU A 564 -0.31 21.44 -2.06
N LEU A 565 -1.49 22.05 -2.34
CA LEU A 565 -2.56 21.44 -3.12
C LEU A 565 -2.89 22.31 -4.35
N PRO A 566 -2.02 22.29 -5.40
CA PRO A 566 -2.26 23.16 -6.56
C PRO A 566 -3.53 22.85 -7.37
N THR A 567 -3.96 21.58 -7.37
CA THR A 567 -5.11 21.12 -8.15
C THR A 567 -6.46 21.55 -7.53
N ILE A 568 -6.62 21.31 -6.23
CA ILE A 568 -7.79 21.61 -5.39
C ILE A 568 -8.26 23.09 -5.48
N PHE A 569 -7.34 24.04 -5.66
CA PHE A 569 -7.67 25.47 -5.68
C PHE A 569 -7.62 26.12 -7.09
N LYS A 570 -8.01 25.37 -8.13
CA LYS A 570 -8.05 25.85 -9.52
C LYS A 570 -9.06 27.01 -9.69
N SER A 571 -10.39 26.69 -9.68
CA SER A 571 -11.52 27.63 -9.83
C SER A 571 -11.56 28.73 -8.76
N CYS A 572 -11.17 28.40 -7.50
CA CYS A 572 -11.21 29.36 -6.40
C CYS A 572 -9.93 30.19 -6.27
N SER A 573 -10.11 31.50 -6.43
CA SER A 573 -9.04 32.49 -6.38
C SER A 573 -8.69 32.98 -4.96
N THR A 574 -9.70 33.13 -4.06
CA THR A 574 -9.51 33.69 -2.72
C THR A 574 -9.96 32.80 -1.57
N PHE A 575 -9.46 33.04 -0.34
CA PHE A 575 -9.92 32.30 0.85
C PHE A 575 -11.35 32.71 1.24
N GLU A 576 -11.77 33.97 0.96
CA GLU A 576 -13.14 34.41 1.27
C GLU A 576 -14.17 33.59 0.48
N GLN A 577 -13.94 33.40 -0.83
CA GLN A 577 -14.82 32.61 -1.71
C GLN A 577 -14.81 31.15 -1.28
N TRP A 578 -13.64 30.64 -0.87
CA TRP A 578 -13.48 29.26 -0.46
C TRP A 578 -14.24 28.91 0.81
N PHE A 579 -14.02 29.66 1.89
CA PHE A 579 -14.63 29.37 3.19
C PHE A 579 -16.09 29.84 3.33
N ASN A 580 -16.59 30.65 2.38
CA ASN A 580 -17.98 31.10 2.42
C ASN A 580 -18.84 30.20 1.58
N ALA A 581 -18.22 29.31 0.77
CA ALA A 581 -18.89 28.40 -0.16
C ALA A 581 -20.09 27.66 0.46
N PRO A 582 -20.02 27.08 1.69
CA PRO A 582 -21.21 26.43 2.25
C PRO A 582 -22.37 27.37 2.64
N PHE A 583 -22.15 28.70 2.59
CA PHE A 583 -23.10 29.76 2.96
C PHE A 583 -23.52 30.66 1.80
N ALA A 584 -23.04 30.37 0.57
CA ALA A 584 -23.33 31.23 -0.58
C ALA A 584 -24.56 30.82 -1.46
N MET A 585 -25.35 29.83 -1.03
CA MET A 585 -26.55 29.37 -1.74
C MET A 585 -27.56 30.49 -2.05
N THR A 586 -27.65 31.51 -1.18
CA THR A 586 -28.54 32.66 -1.33
C THR A 586 -27.94 33.81 -2.15
N GLY A 587 -26.68 33.69 -2.57
CA GLY A 587 -25.98 34.71 -3.34
C GLY A 587 -25.49 35.87 -2.51
N GLU A 588 -25.50 35.72 -1.17
CA GLU A 588 -25.04 36.71 -0.21
C GLU A 588 -23.51 36.77 -0.21
N ARG A 589 -22.96 37.98 -0.23
CA ARG A 589 -21.50 38.19 -0.28
C ARG A 589 -21.03 38.89 1.00
N VAL A 590 -20.63 38.08 2.01
CA VAL A 590 -20.15 38.59 3.30
C VAL A 590 -18.81 37.95 3.68
N ASP A 591 -17.86 38.80 4.09
CA ASP A 591 -16.52 38.38 4.51
C ASP A 591 -16.57 37.75 5.89
N LEU A 592 -15.53 36.97 6.23
CA LEU A 592 -15.42 36.28 7.51
C LEU A 592 -15.14 37.28 8.62
N ASN A 593 -15.53 36.93 9.85
CA ASN A 593 -15.33 37.79 11.00
C ASN A 593 -14.26 37.21 11.94
N GLU A 594 -13.91 37.93 13.02
CA GLU A 594 -12.88 37.48 13.97
C GLU A 594 -13.06 36.04 14.47
N GLU A 595 -14.28 35.70 14.94
CA GLU A 595 -14.57 34.36 15.50
C GLU A 595 -14.42 33.27 14.45
N GLU A 596 -15.19 33.40 13.33
CA GLU A 596 -15.20 32.45 12.22
C GLU A 596 -13.78 32.18 11.75
N THR A 597 -13.01 33.25 11.56
CA THR A 597 -11.61 33.21 11.17
C THR A 597 -10.75 32.45 12.18
N ILE A 598 -10.96 32.63 13.51
CA ILE A 598 -10.16 31.91 14.51
C ILE A 598 -10.37 30.38 14.35
N LEU A 599 -11.64 29.96 14.14
CA LEU A 599 -11.99 28.54 14.00
C LEU A 599 -11.49 27.97 12.69
N ILE A 600 -11.43 28.79 11.65
CA ILE A 600 -10.92 28.32 10.36
C ILE A 600 -9.40 28.06 10.50
N ILE A 601 -8.68 28.99 11.18
CA ILE A 601 -7.26 28.85 11.44
C ILE A 601 -7.00 27.58 12.25
N ARG A 602 -7.83 27.34 13.30
CA ARG A 602 -7.71 26.17 14.17
C ARG A 602 -7.81 24.89 13.38
N ARG A 603 -8.84 24.76 12.52
CA ARG A 603 -9.07 23.58 11.73
C ARG A 603 -7.95 23.32 10.74
N LEU A 604 -7.42 24.39 10.12
CA LEU A 604 -6.34 24.29 9.14
C LEU A 604 -5.04 23.85 9.79
N HIS A 605 -4.84 24.19 11.05
CA HIS A 605 -3.67 23.79 11.80
C HIS A 605 -3.71 22.27 12.11
N LYS A 606 -4.91 21.74 12.37
CA LYS A 606 -5.18 20.30 12.63
C LYS A 606 -4.97 19.49 11.33
N VAL A 607 -5.48 20.04 10.21
CA VAL A 607 -5.47 19.50 8.86
C VAL A 607 -4.06 19.43 8.31
N LEU A 608 -3.24 20.47 8.58
CA LEU A 608 -1.84 20.55 8.12
C LEU A 608 -0.84 19.89 9.05
N ARG A 609 -1.24 19.55 10.29
CA ARG A 609 -0.40 18.91 11.33
C ARG A 609 0.53 17.79 10.75
N PRO A 610 0.04 16.77 10.00
CA PRO A 610 0.96 15.75 9.47
C PRO A 610 1.78 16.13 8.24
N PHE A 611 1.78 17.41 7.85
CA PHE A 611 2.51 17.83 6.67
C PHE A 611 3.66 18.75 7.01
N LEU A 612 3.81 19.13 8.28
CA LEU A 612 4.88 20.00 8.72
C LEU A 612 5.76 19.29 9.74
N LEU A 613 7.08 19.49 9.62
CA LEU A 613 8.09 18.99 10.56
C LEU A 613 8.96 20.17 10.98
N ARG A 614 8.93 20.49 12.28
CA ARG A 614 9.71 21.58 12.85
C ARG A 614 10.44 21.15 14.10
N ARG A 615 11.72 21.53 14.16
CA ARG A 615 12.56 21.35 15.32
C ARG A 615 13.19 22.68 15.66
N LEU A 616 13.30 22.93 16.97
CA LEU A 616 13.91 24.14 17.50
C LEU A 616 15.32 23.76 17.99
N LYS A 617 16.21 24.76 18.11
CA LYS A 617 17.59 24.56 18.55
C LYS A 617 17.66 24.09 20.01
N LYS A 618 16.81 24.68 20.90
CA LYS A 618 16.71 24.36 22.32
C LYS A 618 16.35 22.88 22.64
N GLU A 619 15.76 22.15 21.66
CA GLU A 619 15.38 20.74 21.81
C GLU A 619 16.30 19.78 21.02
N VAL A 620 17.26 20.34 20.26
CA VAL A 620 18.16 19.56 19.41
C VAL A 620 19.56 19.36 20.12
N GLU A 621 20.67 19.87 19.52
CA GLU A 621 22.08 19.75 19.96
C GLU A 621 22.55 18.28 20.04
C2 J7G B . 4.02 29.86 2.84
C11 J7G B . 4.62 30.02 0.40
C12 J7G B . 3.37 30.39 -0.15
C13 J7G B . 3.21 30.40 -1.54
C15 J7G B . 5.47 29.67 -1.84
C16 J7G B . 5.67 29.65 -0.46
C18 J7G B . 1.99 30.79 -2.19
C19 J7G B . 0.99 31.11 -2.77
C20 J7G B . -0.23 31.48 -3.44
C21 J7G B . -1.04 32.51 -2.92
C22 J7G B . -2.24 32.86 -3.57
C23 J7G B . -2.61 32.18 -4.74
C24 J7G B . -1.81 31.15 -5.26
C25 J7G B . -0.60 30.81 -4.61
C26 J7G B . -3.11 33.99 -3.03
N1 J7G B . 4.88 29.91 1.78
N3 J7G B . 4.66 29.72 4.03
O4 J7G B . 2.81 30.01 2.74
C5 J7G B . 4.11 29.61 5.33
C6 J7G B . 2.74 29.74 5.61
C7 J7G B . 2.30 29.59 6.92
N8 J7G B . 3.18 29.33 7.92
C9 J7G B . 4.51 29.18 7.69
C10 J7G B . 4.99 29.32 6.38
N14 J7G B . 4.26 30.05 -2.32
CL7 J7G B . 0.61 29.77 7.31
O27 J7G B . -4.35 34.18 -3.51
O28 J7G B . -2.65 34.74 -2.17
C1 EOH C . -16.21 -11.33 -4.11
C2 EOH C . -15.64 -12.64 -3.63
O EOH C . -16.63 -10.52 -3.00
C1 EOH D . -17.65 30.08 9.18
C2 EOH D . -18.96 29.95 9.92
O EOH D . -17.12 28.78 8.86
C1 EOH E . -0.71 16.85 1.19
C2 EOH E . -0.56 18.29 1.65
O EOH E . -0.10 16.68 -0.10
C1 EOH F . -13.60 -4.51 1.73
C2 EOH F . -12.39 -4.84 2.58
O EOH F . -13.19 -4.14 0.39
C1 EOH G . 2.23 -3.80 -1.91
C2 EOH G . 2.53 -4.79 -0.79
O EOH G . 1.04 -4.23 -2.60
C1 EOH H . -15.80 24.38 -0.44
C2 EOH H . -15.88 23.22 -1.40
O EOH H . -15.10 25.47 -1.05
#